data_5V0V
#
_entry.id   5V0V
#
_cell.length_a   94.209
_cell.length_b   94.209
_cell.length_c   141.819
_cell.angle_alpha   90.000
_cell.angle_beta   90.000
_cell.angle_gamma   120.000
#
_symmetry.space_group_name_H-M   'P 61'
#
loop_
_entity.id
_entity.type
_entity.pdbx_description
1 polymer 'Serum albumin'
2 non-polymer 2-AMINO-2-HYDROXYMETHYL-PROPANE-1,3-DIOL
3 non-polymer 'SULFATE ION'
4 non-polymer '[(1S)-1,8-diethyl-1,3,4,9-tetrahydropyrano[3,4-b]indol-1-yl]acetic acid'
5 non-polymer '[(1R)-1,8-diethyl-1,3,4,9-tetrahydropyrano[3,4-b]indol-1-yl]acetic acid'
6 water water
#
_entity_poly.entity_id   1
_entity_poly.type   'polypeptide(L)'
_entity_poly.pdbx_seq_one_letter_code
;DTHKSEIAHRFNDLGEKHFKGLVLVAFSQYLQQCPFEDHVKLVNEVTEFAKKCAADESAENCDKSLHTLFGDKLCTVATL
RATYGELADCCEKQEPERNECFLTHKDDHPNLPKLKPEPDAQCAAFQEDPDKFLGKYLYEVARRHPYFYGPELLFHAEEY
KADFTECCPADDKLACLIPKLDALKERILLSSAKERLKCSSFQNFGERAVKAWSVARLSQKFPKADFAEVSKIVTDLTKV
HKECCHGDLLECADDRADLAKYICEHQDSISGKLKACCDKPLLQKSHCIAEVKEDDLPSDLPALAADFAEDKEICKHYKD
AKDVFLGTFLYEYSRRHPDYSVSLLLRIAKTYEATLEKCCAEADPPACYRTVFDQFTPLVEEPKSLVKKNCDLFEEVGEY
DFQNALIVRYTKKAPQVSTPTLVEIGRTLGKVGSRCCKLPESERLPCSENHLALALNRLCVLHEKTPVSEKITKCCTDSL
AERRPCFSALELDEGYVPKEFKAETFTFHADICTLPEDEKQIKKQSALAELVKHKPKATKEQLKTVLGNFSAFVAKCCGA
EDKEACFAEEGPKLVASSQLALA
;
_entity_poly.pdbx_strand_id   A
#
loop_
_chem_comp.id
_chem_comp.type
_chem_comp.name
_chem_comp.formula
8QP non-polymer '[(1S)-1,8-diethyl-1,3,4,9-tetrahydropyrano[3,4-b]indol-1-yl]acetic acid' 'C17 H21 N O3'
8QS non-polymer '[(1R)-1,8-diethyl-1,3,4,9-tetrahydropyrano[3,4-b]indol-1-yl]acetic acid' 'C17 H21 N O3'
SO4 non-polymer 'SULFATE ION' 'O4 S -2'
TRS non-polymer 2-AMINO-2-HYDROXYMETHYL-PROPANE-1,3-DIOL 'C4 H12 N O3 1'
#
# COMPACT_ATOMS: atom_id res chain seq x y z
N HIS A 3 -9.11 -4.00 32.19
CA HIS A 3 -10.26 -3.16 32.68
C HIS A 3 -11.51 -4.00 32.98
N LYS A 4 -12.31 -3.52 33.93
CA LYS A 4 -13.55 -4.20 34.34
C LYS A 4 -14.50 -4.38 33.16
N SER A 5 -14.70 -3.32 32.39
CA SER A 5 -15.38 -3.38 31.10
C SER A 5 -14.56 -2.68 30.02
N GLU A 6 -14.01 -3.48 29.10
CA GLU A 6 -13.16 -2.97 28.02
C GLU A 6 -13.94 -2.11 27.04
N ILE A 7 -15.15 -2.54 26.69
CA ILE A 7 -15.99 -1.79 25.75
C ILE A 7 -16.39 -0.40 26.29
N ALA A 8 -16.73 -0.33 27.58
CA ALA A 8 -17.00 0.94 28.25
C ALA A 8 -15.78 1.87 28.27
N HIS A 9 -14.61 1.29 28.58
CA HIS A 9 -13.34 2.02 28.57
C HIS A 9 -13.12 2.72 27.22
N ARG A 10 -13.12 1.94 26.15
CA ARG A 10 -12.94 2.46 24.77
C ARG A 10 -14.02 3.47 24.35
N PHE A 11 -15.27 3.22 24.76
CA PHE A 11 -16.36 4.16 24.54
C PHE A 11 -16.10 5.51 25.24
N ASN A 12 -15.73 5.45 26.52
CA ASN A 12 -15.43 6.67 27.31
C ASN A 12 -14.24 7.46 26.77
N ASP A 13 -13.17 6.75 26.41
CA ASP A 13 -11.97 7.39 25.85
C ASP A 13 -12.18 8.03 24.48
N LEU A 14 -12.59 7.22 23.51
CA LEU A 14 -12.72 7.65 22.11
C LEU A 14 -13.92 8.57 21.84
N GLY A 15 -14.96 8.47 22.68
CA GLY A 15 -16.20 9.21 22.46
C GLY A 15 -17.09 8.51 21.45
N GLU A 16 -18.39 8.82 21.50
CA GLU A 16 -19.42 8.10 20.74
C GLU A 16 -19.23 8.15 19.21
N LYS A 17 -18.91 9.33 18.71
CA LYS A 17 -18.77 9.57 17.27
C LYS A 17 -17.65 8.74 16.63
N HIS A 18 -16.46 8.80 17.22
CA HIS A 18 -15.33 7.98 16.75
C HIS A 18 -15.58 6.50 17.02
N PHE A 19 -16.16 6.18 18.18
CA PHE A 19 -16.47 4.79 18.53
C PHE A 19 -17.33 4.17 17.44
N LYS A 20 -18.46 4.82 17.14
CA LYS A 20 -19.39 4.35 16.11
C LYS A 20 -18.76 4.26 14.72
N GLY A 21 -17.96 5.25 14.36
CA GLY A 21 -17.20 5.24 13.12
C GLY A 21 -16.31 4.01 13.01
N LEU A 22 -15.48 3.77 14.03
CA LEU A 22 -14.51 2.68 14.02
C LEU A 22 -15.16 1.31 14.01
N VAL A 23 -16.28 1.19 14.73
CA VAL A 23 -17.07 -0.06 14.72
C VAL A 23 -17.70 -0.30 13.34
N LEU A 24 -18.23 0.76 12.72
CA LEU A 24 -18.79 0.69 11.37
C LEU A 24 -17.74 0.18 10.40
N VAL A 25 -16.57 0.82 10.43
CA VAL A 25 -15.45 0.42 9.58
C VAL A 25 -15.08 -1.04 9.80
N ALA A 26 -14.95 -1.44 11.07
CA ALA A 26 -14.58 -2.81 11.42
C ALA A 26 -15.53 -3.84 10.79
N PHE A 27 -16.83 -3.67 11.02
CA PHE A 27 -17.85 -4.55 10.42
C PHE A 27 -17.86 -4.50 8.87
N SER A 28 -17.70 -3.30 8.31
CA SER A 28 -17.65 -3.13 6.85
C SER A 28 -16.45 -3.82 6.20
N GLN A 29 -15.36 -3.98 6.94
CA GLN A 29 -14.17 -4.67 6.44
C GLN A 29 -14.30 -6.19 6.45
N TYR A 30 -14.89 -6.74 7.52
CA TYR A 30 -15.02 -8.20 7.68
C TYR A 30 -16.07 -8.80 6.73
N LEU A 31 -17.22 -8.15 6.63
CA LEU A 31 -18.29 -8.59 5.74
C LEU A 31 -18.68 -7.49 4.73
N GLN A 32 -18.10 -7.56 3.54
CA GLN A 32 -18.18 -6.48 2.55
C GLN A 32 -19.45 -6.48 1.69
N GLN A 33 -20.18 -7.60 1.69
CA GLN A 33 -21.35 -7.81 0.81
C GLN A 33 -22.70 -7.33 1.37
N CYS A 34 -22.81 -7.22 2.69
CA CYS A 34 -24.06 -6.79 3.33
C CYS A 34 -24.33 -5.32 3.05
N PRO A 35 -25.62 -4.91 2.98
CA PRO A 35 -25.90 -3.50 2.71
C PRO A 35 -25.60 -2.59 3.89
N PHE A 36 -25.63 -1.30 3.62
CA PHE A 36 -25.30 -0.28 4.61
C PHE A 36 -26.24 -0.23 5.80
N GLU A 37 -27.54 -0.35 5.56
CA GLU A 37 -28.56 -0.26 6.63
C GLU A 37 -28.48 -1.39 7.65
N ASP A 38 -28.02 -2.57 7.22
CA ASP A 38 -27.77 -3.69 8.12
C ASP A 38 -26.62 -3.39 9.08
N HIS A 39 -25.56 -2.79 8.54
CA HIS A 39 -24.40 -2.37 9.34
C HIS A 39 -24.73 -1.31 10.38
N VAL A 40 -25.49 -0.29 9.96
CA VAL A 40 -26.01 0.74 10.87
C VAL A 40 -26.68 0.13 12.10
N LYS A 41 -27.45 -0.93 11.89
CA LYS A 41 -28.13 -1.64 12.98
C LYS A 41 -27.16 -2.36 13.91
N LEU A 42 -26.16 -3.04 13.34
CA LEU A 42 -25.10 -3.69 14.14
C LEU A 42 -24.35 -2.67 14.99
N VAL A 43 -23.92 -1.58 14.35
CA VAL A 43 -23.23 -0.47 15.03
C VAL A 43 -24.04 0.07 16.20
N ASN A 44 -25.30 0.39 15.92
CA ASN A 44 -26.21 0.92 16.95
C ASN A 44 -26.40 -0.08 18.11
N GLU A 45 -26.46 -1.38 17.81
CA GLU A 45 -26.63 -2.39 18.85
C GLU A 45 -25.41 -2.53 19.78
N VAL A 46 -24.22 -2.46 19.19
CA VAL A 46 -22.95 -2.49 19.91
C VAL A 46 -22.77 -1.23 20.76
N THR A 47 -23.13 -0.08 20.18
CA THR A 47 -22.98 1.20 20.86
C THR A 47 -23.91 1.31 22.08
N GLU A 48 -25.16 0.90 21.90
CA GLU A 48 -26.14 0.85 22.99
C GLU A 48 -25.66 -0.02 24.16
N PHE A 49 -25.01 -1.13 23.83
CA PHE A 49 -24.40 -2.02 24.80
C PHE A 49 -23.27 -1.34 25.58
N ALA A 50 -22.41 -0.64 24.86
CA ALA A 50 -21.30 0.10 25.47
C ALA A 50 -21.77 1.19 26.44
N LYS A 51 -22.85 1.88 26.06
CA LYS A 51 -23.46 2.93 26.89
C LYS A 51 -24.07 2.34 28.15
N LYS A 52 -24.79 1.23 27.97
CA LYS A 52 -25.38 0.49 29.08
C LYS A 52 -24.28 -0.01 30.03
N CYS A 53 -23.19 -0.53 29.45
CA CYS A 53 -22.02 -0.93 30.23
C CYS A 53 -21.30 0.23 30.92
N ALA A 54 -21.12 1.34 30.20
CA ALA A 54 -20.53 2.56 30.78
C ALA A 54 -21.30 3.11 32.00
N ALA A 55 -22.61 2.83 32.07
CA ALA A 55 -23.43 3.16 33.23
C ALA A 55 -23.12 2.24 34.42
N ASP A 56 -23.31 0.94 34.22
CA ASP A 56 -23.04 -0.08 35.25
C ASP A 56 -22.11 -1.16 34.66
N GLU A 57 -20.81 -1.02 34.92
CA GLU A 57 -19.78 -1.90 34.35
C GLU A 57 -19.81 -3.34 34.90
N SER A 58 -20.38 -3.52 36.08
CA SER A 58 -20.60 -4.83 36.69
C SER A 58 -21.82 -5.60 36.15
N ALA A 59 -22.60 -5.00 35.25
CA ALA A 59 -23.73 -5.66 34.61
C ALA A 59 -23.30 -6.90 33.82
N GLU A 60 -24.27 -7.75 33.50
CA GLU A 60 -24.00 -9.02 32.82
C GLU A 60 -23.44 -8.76 31.41
N ASN A 61 -22.40 -9.54 31.06
CA ASN A 61 -21.73 -9.51 29.74
C ASN A 61 -20.79 -8.33 29.44
N CYS A 62 -20.79 -7.29 30.28
CA CYS A 62 -19.88 -6.15 30.15
C CYS A 62 -18.43 -6.52 30.44
N ASP A 63 -18.26 -7.59 31.20
CA ASP A 63 -16.95 -8.23 31.46
C ASP A 63 -16.24 -8.82 30.22
N LYS A 64 -17.00 -9.06 29.16
CA LYS A 64 -16.48 -9.74 27.97
C LYS A 64 -15.48 -8.90 27.18
N SER A 65 -14.57 -9.58 26.49
CA SER A 65 -13.54 -8.93 25.68
C SER A 65 -14.14 -8.37 24.40
N LEU A 66 -13.37 -7.53 23.73
CA LEU A 66 -13.81 -6.89 22.50
C LEU A 66 -13.99 -7.90 21.37
N HIS A 67 -13.05 -8.83 21.23
CA HIS A 67 -13.17 -9.90 20.24
C HIS A 67 -14.37 -10.82 20.47
N THR A 68 -14.70 -11.07 21.73
CA THR A 68 -15.88 -11.85 22.07
C THR A 68 -17.14 -11.12 21.61
N LEU A 69 -17.28 -9.87 22.05
CA LEU A 69 -18.47 -9.07 21.74
C LEU A 69 -18.62 -8.73 20.25
N PHE A 70 -17.53 -8.36 19.61
CA PHE A 70 -17.52 -8.05 18.18
C PHE A 70 -17.81 -9.30 17.33
N GLY A 71 -17.14 -10.41 17.66
CA GLY A 71 -17.34 -11.68 16.97
C GLY A 71 -18.73 -12.27 17.15
N ASP A 72 -19.23 -12.23 18.38
CA ASP A 72 -20.63 -12.59 18.68
C ASP A 72 -21.61 -11.83 17.80
N LYS A 73 -21.34 -10.53 17.62
CA LYS A 73 -22.20 -9.65 16.82
C LYS A 73 -22.18 -9.99 15.34
N LEU A 74 -20.97 -10.19 14.82
CA LEU A 74 -20.75 -10.64 13.43
C LEU A 74 -21.54 -11.92 13.06
N CYS A 75 -21.63 -12.84 14.03
CA CYS A 75 -22.31 -14.12 13.83
C CYS A 75 -23.84 -14.10 13.92
N THR A 76 -24.42 -12.99 14.38
CA THR A 76 -25.88 -12.79 14.34
C THR A 76 -26.42 -12.33 12.97
N VAL A 77 -25.54 -11.85 12.09
CA VAL A 77 -25.93 -11.28 10.77
C VAL A 77 -26.84 -12.21 9.96
N ALA A 78 -27.89 -11.63 9.38
CA ALA A 78 -28.84 -12.36 8.55
C ALA A 78 -28.16 -12.81 7.25
N THR A 79 -28.49 -14.02 6.82
CA THR A 79 -27.97 -14.60 5.59
C THR A 79 -26.44 -14.75 5.62
N LEU A 80 -25.92 -15.15 6.78
CA LEU A 80 -24.47 -15.29 7.00
C LEU A 80 -23.91 -16.52 6.28
N ARG A 81 -24.53 -17.68 6.49
CA ARG A 81 -24.09 -18.94 5.88
C ARG A 81 -24.15 -18.93 4.35
N ALA A 82 -25.15 -18.24 3.80
CA ALA A 82 -25.35 -18.14 2.36
C ALA A 82 -24.30 -17.21 1.73
N THR A 83 -24.19 -16.01 2.28
CA THR A 83 -23.30 -14.99 1.72
C THR A 83 -21.82 -15.21 2.09
N TYR A 84 -21.55 -15.63 3.32
CA TYR A 84 -20.18 -15.88 3.81
C TYR A 84 -20.08 -17.24 4.49
N GLY A 85 -20.22 -18.31 3.70
CA GLY A 85 -20.00 -19.67 4.21
C GLY A 85 -18.69 -19.79 4.98
N GLU A 86 -17.64 -19.19 4.41
CA GLU A 86 -16.29 -19.17 4.96
C GLU A 86 -16.22 -18.57 6.37
N LEU A 87 -16.90 -17.44 6.58
CA LEU A 87 -16.94 -16.78 7.90
C LEU A 87 -17.83 -17.51 8.91
N ALA A 88 -18.91 -18.13 8.42
CA ALA A 88 -19.83 -18.92 9.26
C ALA A 88 -19.17 -20.14 9.92
N ASP A 89 -18.18 -20.72 9.24
CA ASP A 89 -17.33 -21.78 9.79
C ASP A 89 -16.56 -21.31 11.03
N CYS A 90 -16.09 -20.06 11.00
CA CYS A 90 -15.41 -19.43 12.13
C CYS A 90 -16.32 -19.23 13.36
N CYS A 91 -17.60 -18.96 13.11
CA CYS A 91 -18.57 -18.67 14.19
C CYS A 91 -18.79 -19.81 15.21
N GLU A 92 -18.53 -21.05 14.81
CA GLU A 92 -18.55 -22.20 15.72
C GLU A 92 -17.36 -22.21 16.69
N LYS A 93 -16.23 -21.65 16.26
CA LYS A 93 -15.02 -21.56 17.08
C LYS A 93 -15.13 -20.50 18.18
N GLN A 94 -14.40 -20.71 19.28
CA GLN A 94 -14.29 -19.74 20.37
C GLN A 94 -13.07 -18.85 20.14
N GLU A 95 -12.94 -17.82 20.98
CA GLU A 95 -11.80 -16.89 20.90
C GLU A 95 -10.62 -17.48 21.71
N PRO A 96 -9.37 -17.23 21.30
CA PRO A 96 -8.98 -16.40 20.15
C PRO A 96 -8.99 -17.09 18.77
N GLU A 97 -9.28 -18.40 18.73
CA GLU A 97 -9.30 -19.16 17.47
C GLU A 97 -10.24 -18.53 16.41
N ARG A 98 -11.38 -18.01 16.86
CA ARG A 98 -12.40 -17.46 15.97
C ARG A 98 -11.93 -16.21 15.23
N ASN A 99 -11.38 -15.26 15.97
CA ASN A 99 -10.82 -14.03 15.38
C ASN A 99 -9.74 -14.35 14.35
N GLU A 100 -8.86 -15.29 14.70
CA GLU A 100 -7.80 -15.72 13.80
C GLU A 100 -8.36 -16.38 12.54
N CYS A 101 -9.48 -17.10 12.68
CA CYS A 101 -10.25 -17.58 11.53
C CYS A 101 -10.84 -16.44 10.68
N PHE A 102 -11.45 -15.44 11.34
CA PHE A 102 -11.99 -14.26 10.64
C PHE A 102 -10.91 -13.57 9.80
N LEU A 103 -9.78 -13.25 10.42
CA LEU A 103 -8.66 -12.61 9.73
C LEU A 103 -8.15 -13.41 8.54
N THR A 104 -8.01 -14.73 8.73
CA THR A 104 -7.60 -15.64 7.66
C THR A 104 -8.52 -15.55 6.44
N HIS A 105 -9.83 -15.41 6.68
CA HIS A 105 -10.84 -15.41 5.60
C HIS A 105 -11.38 -14.03 5.23
N LYS A 106 -10.47 -13.05 5.18
CA LYS A 106 -10.75 -11.68 4.71
C LYS A 106 -10.43 -11.63 3.22
N ASP A 107 -10.86 -10.57 2.53
CA ASP A 107 -10.83 -10.54 1.06
C ASP A 107 -10.26 -9.26 0.43
N ASP A 108 -9.03 -9.35 -0.05
CA ASP A 108 -8.33 -8.20 -0.68
C ASP A 108 -8.84 -7.79 -2.05
N HIS A 109 -9.54 -8.71 -2.72
CA HIS A 109 -10.13 -8.44 -4.03
C HIS A 109 -11.63 -8.80 -3.97
N PRO A 110 -12.43 -7.97 -3.28
CA PRO A 110 -13.88 -8.20 -3.22
C PRO A 110 -14.56 -7.96 -4.58
N ASN A 111 -13.95 -7.12 -5.41
CA ASN A 111 -14.37 -6.93 -6.80
C ASN A 111 -15.79 -6.33 -6.85
N LEU A 112 -15.99 -5.28 -6.05
CA LEU A 112 -17.26 -4.57 -6.00
C LEU A 112 -17.29 -3.53 -7.11
N PRO A 113 -18.50 -3.05 -7.46
CA PRO A 113 -18.68 -2.02 -8.48
C PRO A 113 -17.91 -0.73 -8.19
N LYS A 114 -17.30 -0.15 -9.22
CA LYS A 114 -16.54 1.09 -9.10
C LYS A 114 -17.47 2.22 -8.70
N LEU A 115 -16.97 3.13 -7.88
CA LEU A 115 -17.76 4.21 -7.30
C LEU A 115 -17.49 5.50 -8.09
N LYS A 116 -18.50 5.93 -8.85
CA LYS A 116 -18.41 7.16 -9.62
C LYS A 116 -18.84 8.35 -8.76
N PRO A 117 -18.09 9.49 -8.84
CA PRO A 117 -18.53 10.70 -8.14
C PRO A 117 -19.72 11.36 -8.86
N GLU A 118 -20.92 11.18 -8.32
CA GLU A 118 -22.16 11.76 -8.85
C GLU A 118 -22.49 13.09 -8.14
N PRO A 119 -21.99 14.23 -8.67
CA PRO A 119 -21.97 15.47 -7.88
C PRO A 119 -23.34 16.04 -7.49
N ASP A 120 -24.31 15.99 -8.41
CA ASP A 120 -25.66 16.50 -8.16
C ASP A 120 -26.39 15.74 -7.05
N ALA A 121 -26.44 14.42 -7.19
CA ALA A 121 -27.17 13.54 -6.27
C ALA A 121 -26.54 13.40 -4.88
N GLN A 122 -25.20 13.42 -4.82
CA GLN A 122 -24.47 13.30 -3.56
C GLN A 122 -24.63 14.56 -2.67
N CYS A 123 -24.65 15.73 -3.30
CA CYS A 123 -24.92 17.00 -2.61
C CYS A 123 -26.32 17.03 -1.98
N ALA A 124 -27.29 16.43 -2.67
CA ALA A 124 -28.66 16.30 -2.16
C ALA A 124 -28.70 15.38 -0.94
N ALA A 125 -28.07 14.22 -1.07
CA ALA A 125 -27.92 13.26 0.04
C ALA A 125 -27.12 13.82 1.22
N PHE A 126 -26.13 14.67 0.91
CA PHE A 126 -25.30 15.34 1.92
C PHE A 126 -26.12 16.35 2.73
N GLN A 127 -26.91 17.15 2.01
CA GLN A 127 -27.74 18.17 2.62
C GLN A 127 -28.91 17.61 3.47
N GLU A 128 -29.58 16.57 2.96
CA GLU A 128 -30.76 15.98 3.66
C GLU A 128 -30.38 15.27 4.96
N ASP A 129 -29.27 14.53 4.92
CA ASP A 129 -28.80 13.73 6.05
C ASP A 129 -27.27 13.57 5.95
N PRO A 130 -26.50 14.51 6.51
CA PRO A 130 -25.04 14.43 6.40
C PRO A 130 -24.40 13.25 7.14
N ASP A 131 -24.90 12.95 8.35
CA ASP A 131 -24.40 11.85 9.17
C ASP A 131 -24.53 10.49 8.46
N LYS A 132 -25.66 10.27 7.81
CA LYS A 132 -25.88 9.07 6.98
C LYS A 132 -24.97 9.06 5.76
N PHE A 133 -24.84 10.22 5.11
CA PHE A 133 -24.01 10.36 3.90
C PHE A 133 -22.54 10.08 4.16
N LEU A 134 -22.02 10.63 5.25
CA LEU A 134 -20.62 10.40 5.65
C LEU A 134 -20.42 8.99 6.19
N GLY A 135 -21.45 8.47 6.86
CA GLY A 135 -21.49 7.06 7.27
C GLY A 135 -21.36 6.12 6.09
N LYS A 136 -22.11 6.42 5.02
CA LYS A 136 -22.04 5.64 3.77
C LYS A 136 -20.66 5.67 3.13
N TYR A 137 -19.99 6.81 3.22
CA TYR A 137 -18.62 6.94 2.69
C TYR A 137 -17.65 6.01 3.41
N LEU A 138 -17.68 6.03 4.74
CA LEU A 138 -16.89 5.11 5.57
C LEU A 138 -17.13 3.66 5.18
N TYR A 139 -18.40 3.28 5.05
CA TYR A 139 -18.81 1.93 4.66
C TYR A 139 -18.22 1.53 3.31
N GLU A 140 -18.45 2.37 2.30
CA GLU A 140 -18.05 2.09 0.91
C GLU A 140 -16.53 1.98 0.72
N VAL A 141 -15.77 2.83 1.41
CA VAL A 141 -14.30 2.79 1.33
C VAL A 141 -13.75 1.59 2.11
N ALA A 142 -14.27 1.36 3.31
CA ALA A 142 -13.82 0.26 4.18
C ALA A 142 -14.01 -1.12 3.57
N ARG A 143 -15.16 -1.35 2.93
CA ARG A 143 -15.47 -2.64 2.32
C ARG A 143 -14.70 -2.91 1.02
N ARG A 144 -14.14 -1.87 0.42
CA ARG A 144 -13.24 -1.99 -0.72
C ARG A 144 -11.75 -2.00 -0.34
N HIS A 145 -11.45 -1.77 0.94
CA HIS A 145 -10.08 -1.75 1.47
C HIS A 145 -10.08 -2.36 2.88
N PRO A 146 -10.08 -3.71 2.98
CA PRO A 146 -10.30 -4.39 4.26
C PRO A 146 -9.20 -4.27 5.33
N TYR A 147 -8.01 -3.75 4.95
CA TYR A 147 -6.90 -3.53 5.90
C TYR A 147 -6.58 -2.05 6.13
N PHE A 148 -7.50 -1.17 5.75
CA PHE A 148 -7.36 0.27 6.02
C PHE A 148 -7.44 0.52 7.53
N TYR A 149 -6.60 1.42 8.04
CA TYR A 149 -6.59 1.72 9.48
C TYR A 149 -7.76 2.64 9.79
N GLY A 150 -8.62 2.21 10.71
CA GLY A 150 -9.83 2.93 11.10
C GLY A 150 -9.66 4.44 11.29
N PRO A 151 -8.82 4.85 12.24
CA PRO A 151 -8.58 6.27 12.51
C PRO A 151 -8.19 7.08 11.26
N GLU A 152 -7.35 6.51 10.40
CA GLU A 152 -6.89 7.17 9.19
C GLU A 152 -8.02 7.33 8.16
N LEU A 153 -8.96 6.37 8.16
CA LEU A 153 -10.16 6.49 7.32
C LEU A 153 -11.09 7.60 7.84
N LEU A 154 -11.29 7.65 9.16
CA LEU A 154 -12.02 8.76 9.80
C LEU A 154 -11.40 10.11 9.45
N PHE A 155 -10.08 10.18 9.36
CA PHE A 155 -9.41 11.43 8.97
C PHE A 155 -9.81 11.84 7.56
N HIS A 156 -9.63 10.91 6.62
CA HIS A 156 -10.00 11.15 5.21
C HIS A 156 -11.49 11.42 5.00
N ALA A 157 -12.34 10.90 5.88
CA ALA A 157 -13.78 11.21 5.88
C ALA A 157 -14.06 12.67 6.19
N GLU A 158 -13.22 13.30 7.02
CA GLU A 158 -13.31 14.74 7.30
C GLU A 158 -12.90 15.61 6.10
N GLU A 159 -11.93 15.16 5.31
CA GLU A 159 -11.58 15.82 4.04
C GLU A 159 -12.74 15.74 3.04
N TYR A 160 -13.38 14.58 2.99
CA TYR A 160 -14.56 14.33 2.14
C TYR A 160 -15.68 15.29 2.51
N LYS A 161 -16.03 15.33 3.80
CA LYS A 161 -17.04 16.25 4.32
C LYS A 161 -16.73 17.72 3.99
N ALA A 162 -15.47 18.10 4.19
CA ALA A 162 -15.00 19.47 3.92
C ALA A 162 -15.15 19.88 2.45
N ASP A 163 -14.96 18.93 1.53
CA ASP A 163 -15.17 19.16 0.11
C ASP A 163 -16.64 19.45 -0.23
N PHE A 164 -17.54 18.69 0.38
CA PHE A 164 -18.98 18.82 0.13
C PHE A 164 -19.64 20.05 0.79
N THR A 165 -19.05 20.57 1.88
CA THR A 165 -19.48 21.84 2.46
C THR A 165 -19.08 23.03 1.57
N GLU A 166 -17.87 22.95 1.02
CA GLU A 166 -17.31 24.02 0.16
C GLU A 166 -17.95 24.09 -1.22
N CYS A 167 -18.24 22.93 -1.81
CA CYS A 167 -18.64 22.85 -3.24
C CYS A 167 -20.15 22.73 -3.56
N CYS A 168 -20.95 22.21 -2.63
CA CYS A 168 -22.39 22.02 -2.90
C CYS A 168 -23.21 23.32 -2.97
N PRO A 169 -22.91 24.31 -2.09
CA PRO A 169 -23.54 25.63 -2.25
C PRO A 169 -23.00 26.45 -3.44
N ALA A 170 -21.79 26.15 -3.90
CA ALA A 170 -21.12 26.89 -4.98
C ALA A 170 -21.84 26.82 -6.33
N ASP A 171 -21.41 27.68 -7.25
CA ASP A 171 -22.05 27.86 -8.56
C ASP A 171 -22.05 26.58 -9.40
N ASP A 172 -20.86 26.09 -9.74
CA ASP A 172 -20.70 24.84 -10.51
C ASP A 172 -20.34 23.70 -9.55
N LYS A 173 -21.21 22.68 -9.50
CA LYS A 173 -21.04 21.53 -8.58
C LYS A 173 -19.92 20.58 -9.00
N LEU A 174 -19.87 20.24 -10.29
CA LEU A 174 -18.91 19.26 -10.82
C LEU A 174 -17.46 19.77 -10.82
N ALA A 175 -17.25 20.94 -11.40
CA ALA A 175 -15.90 21.53 -11.56
C ALA A 175 -15.22 21.90 -10.23
N CYS A 176 -16.01 22.21 -9.21
CA CYS A 176 -15.49 22.42 -7.85
C CYS A 176 -15.07 21.09 -7.23
N LEU A 177 -15.96 20.11 -7.34
CA LEU A 177 -15.91 18.87 -6.55
C LEU A 177 -15.02 17.79 -7.17
N ILE A 178 -15.09 17.60 -8.49
CA ILE A 178 -14.35 16.52 -9.21
C ILE A 178 -12.81 16.54 -9.01
N PRO A 179 -12.15 17.70 -9.25
CA PRO A 179 -10.69 17.76 -8.99
C PRO A 179 -10.28 17.55 -7.53
N LYS A 180 -11.13 17.94 -6.60
CA LYS A 180 -10.91 17.69 -5.17
C LYS A 180 -11.11 16.21 -4.80
N LEU A 181 -12.14 15.59 -5.38
CA LEU A 181 -12.47 14.18 -5.12
C LEU A 181 -11.44 13.19 -5.70
N ASP A 182 -10.96 13.46 -6.91
CA ASP A 182 -9.85 12.69 -7.49
C ASP A 182 -8.53 12.88 -6.74
N ALA A 183 -8.31 14.09 -6.20
CA ALA A 183 -7.15 14.36 -5.36
C ALA A 183 -7.22 13.61 -4.02
N LEU A 184 -8.42 13.53 -3.45
CA LEU A 184 -8.67 12.75 -2.23
C LEU A 184 -8.54 11.24 -2.47
N LYS A 185 -8.94 10.79 -3.66
CA LYS A 185 -8.78 9.39 -4.06
C LYS A 185 -7.31 8.98 -4.05
N GLU A 186 -6.48 9.74 -4.76
CA GLU A 186 -5.02 9.50 -4.81
C GLU A 186 -4.41 9.35 -3.42
N ARG A 187 -4.75 10.28 -2.53
CA ARG A 187 -4.23 10.29 -1.15
C ARG A 187 -4.73 9.11 -0.31
N ILE A 188 -6.02 8.78 -0.45
CA ILE A 188 -6.60 7.61 0.20
C ILE A 188 -5.94 6.31 -0.27
N LEU A 189 -5.77 6.17 -1.58
CA LEU A 189 -5.09 5.01 -2.16
C LEU A 189 -3.66 4.83 -1.64
N LEU A 190 -2.96 5.94 -1.41
CA LEU A 190 -1.60 5.90 -0.88
C LEU A 190 -1.54 5.45 0.59
N SER A 191 -2.41 5.98 1.43
CA SER A 191 -2.53 5.54 2.82
C SER A 191 -2.79 4.04 2.88
N SER A 192 -3.78 3.61 2.09
CA SER A 192 -4.18 2.20 1.97
C SER A 192 -3.01 1.31 1.56
N ALA A 193 -2.28 1.73 0.52
CA ALA A 193 -1.12 0.99 0.02
C ALA A 193 -0.01 0.85 1.06
N LYS A 194 0.23 1.90 1.84
CA LYS A 194 1.26 1.87 2.89
C LYS A 194 0.90 0.92 4.02
N GLU A 195 -0.35 1.04 4.47
CA GLU A 195 -0.85 0.23 5.58
C GLU A 195 -0.97 -1.25 5.20
N ARG A 196 -1.36 -1.50 3.95
CA ARG A 196 -1.44 -2.88 3.44
C ARG A 196 -0.06 -3.53 3.37
N LEU A 197 0.98 -2.74 3.07
CA LEU A 197 2.36 -3.22 3.13
C LEU A 197 2.77 -3.60 4.56
N LYS A 198 2.32 -2.84 5.54
CA LYS A 198 2.63 -3.14 6.95
C LYS A 198 1.96 -4.44 7.39
N CYS A 199 0.66 -4.55 7.10
CA CYS A 199 -0.09 -5.80 7.36
C CYS A 199 0.48 -6.99 6.59
N SER A 200 0.84 -6.78 5.32
CA SER A 200 1.50 -7.80 4.50
C SER A 200 2.86 -8.24 5.09
N SER A 201 3.58 -7.29 5.68
CA SER A 201 4.87 -7.57 6.31
C SER A 201 4.74 -8.45 7.55
N PHE A 202 3.69 -8.22 8.35
CA PHE A 202 3.37 -9.12 9.47
C PHE A 202 3.03 -10.52 9.00
N GLN A 203 2.07 -10.59 8.08
CA GLN A 203 1.57 -11.86 7.52
C GLN A 203 2.65 -12.73 6.90
N ASN A 204 3.49 -12.13 6.07
CA ASN A 204 4.52 -12.87 5.32
C ASN A 204 5.87 -13.00 6.02
N PHE A 205 6.25 -11.99 6.79
CA PHE A 205 7.62 -11.91 7.35
C PHE A 205 7.74 -11.75 8.86
N GLY A 206 6.67 -11.36 9.54
CA GLY A 206 6.63 -11.33 11.00
C GLY A 206 6.88 -9.95 11.58
N GLU A 207 6.72 -9.86 12.90
CA GLU A 207 6.83 -8.60 13.65
C GLU A 207 8.25 -8.00 13.61
N ARG A 208 9.27 -8.84 13.69
CA ARG A 208 10.67 -8.39 13.58
C ARG A 208 10.94 -7.63 12.29
N ALA A 209 10.31 -8.06 11.20
CA ALA A 209 10.43 -7.37 9.91
C ALA A 209 9.81 -5.99 9.92
N VAL A 210 8.67 -5.85 10.59
CA VAL A 210 8.00 -4.56 10.74
C VAL A 210 8.83 -3.59 11.61
N LYS A 211 9.39 -4.11 12.70
CA LYS A 211 10.28 -3.31 13.56
C LYS A 211 11.47 -2.74 12.78
N ALA A 212 12.15 -3.61 12.03
CA ALA A 212 13.35 -3.22 11.29
C ALA A 212 13.04 -2.19 10.21
N TRP A 213 11.95 -2.40 9.46
CA TRP A 213 11.51 -1.40 8.48
C TRP A 213 11.27 -0.06 9.17
N SER A 214 10.53 -0.09 10.27
CA SER A 214 10.20 1.10 11.04
C SER A 214 11.41 1.81 11.66
N VAL A 215 12.38 1.05 12.16
CA VAL A 215 13.66 1.62 12.67
C VAL A 215 14.35 2.42 11.56
N ALA A 216 14.44 1.82 10.37
CA ALA A 216 15.07 2.48 9.23
C ALA A 216 14.36 3.78 8.84
N ARG A 217 13.04 3.73 8.72
CA ARG A 217 12.28 4.88 8.24
C ARG A 217 12.23 6.00 9.29
N LEU A 218 11.91 5.66 10.54
CA LEU A 218 11.89 6.66 11.61
C LEU A 218 13.25 7.35 11.83
N SER A 219 14.33 6.59 11.73
CA SER A 219 15.67 7.13 11.89
C SER A 219 15.98 8.17 10.81
N GLN A 220 15.58 7.87 9.58
CA GLN A 220 15.66 8.82 8.46
C GLN A 220 14.88 10.11 8.71
N LYS A 221 13.64 9.95 9.16
CA LYS A 221 12.76 11.08 9.44
C LYS A 221 13.18 11.89 10.66
N PHE A 222 13.68 11.21 11.70
CA PHE A 222 14.05 11.82 12.97
C PHE A 222 15.54 11.58 13.30
N PRO A 223 16.46 12.12 12.49
CA PRO A 223 17.89 11.86 12.72
C PRO A 223 18.48 12.42 14.02
N LYS A 224 17.86 13.44 14.61
CA LYS A 224 18.35 14.02 15.87
C LYS A 224 17.86 13.29 17.14
N ALA A 225 16.87 12.41 17.00
CA ALA A 225 16.38 11.59 18.09
C ALA A 225 17.43 10.55 18.46
N ASP A 226 17.65 10.36 19.77
CA ASP A 226 18.63 9.35 20.22
C ASP A 226 18.05 7.93 20.14
N PHE A 227 18.94 6.94 20.19
CA PHE A 227 18.58 5.54 19.99
C PHE A 227 17.42 5.07 20.86
N ALA A 228 17.46 5.40 22.15
CA ALA A 228 16.38 5.03 23.08
C ALA A 228 15.02 5.65 22.73
N GLU A 229 15.05 6.85 22.12
CA GLU A 229 13.82 7.53 21.69
C GLU A 229 13.18 6.80 20.51
N VAL A 230 13.98 6.54 19.48
CA VAL A 230 13.56 5.74 18.32
C VAL A 230 13.09 4.34 18.73
N SER A 231 13.74 3.73 19.71
CA SER A 231 13.31 2.42 20.24
C SER A 231 11.89 2.48 20.79
N LYS A 232 11.65 3.49 21.62
CA LYS A 232 10.33 3.72 22.24
C LYS A 232 9.24 3.88 21.16
N ILE A 233 9.49 4.77 20.21
CA ILE A 233 8.48 5.09 19.18
C ILE A 233 8.19 3.87 18.29
N VAL A 234 9.24 3.22 17.80
CA VAL A 234 9.10 2.02 16.94
C VAL A 234 8.34 0.90 17.64
N THR A 235 8.63 0.69 18.91
CA THR A 235 7.91 -0.30 19.71
C THR A 235 6.40 -0.01 19.76
N ASP A 236 6.05 1.22 20.12
CA ASP A 236 4.65 1.66 20.15
C ASP A 236 3.99 1.65 18.77
N LEU A 237 4.69 2.15 17.77
CA LEU A 237 4.22 2.17 16.38
C LEU A 237 3.97 0.77 15.82
N THR A 238 4.91 -0.15 16.07
CA THR A 238 4.77 -1.56 15.71
C THR A 238 3.52 -2.18 16.35
N LYS A 239 3.23 -1.79 17.59
CA LYS A 239 2.03 -2.24 18.29
C LYS A 239 0.75 -1.69 17.69
N VAL A 240 0.78 -0.41 17.28
CA VAL A 240 -0.33 0.22 16.56
C VAL A 240 -0.62 -0.56 15.28
N HIS A 241 0.41 -0.74 14.45
CA HIS A 241 0.31 -1.51 13.21
C HIS A 241 -0.31 -2.89 13.40
N LYS A 242 0.27 -3.65 14.34
CA LYS A 242 -0.19 -5.01 14.66
C LYS A 242 -1.69 -5.05 14.98
N GLU A 243 -2.14 -4.11 15.81
CA GLU A 243 -3.53 -4.05 16.26
C GLU A 243 -4.51 -3.64 15.16
N CYS A 244 -4.16 -2.62 14.38
CA CYS A 244 -4.98 -2.23 13.24
C CYS A 244 -5.06 -3.31 12.14
N CYS A 245 -3.96 -4.02 11.89
CA CYS A 245 -3.93 -5.10 10.90
C CYS A 245 -4.69 -6.36 11.32
N HIS A 246 -4.78 -6.57 12.63
CA HIS A 246 -5.50 -7.73 13.20
C HIS A 246 -6.93 -7.37 13.69
N GLY A 247 -7.49 -6.29 13.16
CA GLY A 247 -8.87 -5.89 13.45
C GLY A 247 -9.19 -5.41 14.85
N ASP A 248 -8.17 -5.04 15.63
CA ASP A 248 -8.35 -4.50 16.98
C ASP A 248 -8.48 -2.98 16.87
N LEU A 249 -9.57 -2.52 16.26
CA LEU A 249 -9.69 -1.13 15.83
C LEU A 249 -9.82 -0.13 16.98
N LEU A 250 -10.51 -0.53 18.05
CA LEU A 250 -10.66 0.33 19.22
C LEU A 250 -9.32 0.46 19.96
N GLU A 251 -8.63 -0.67 20.13
CA GLU A 251 -7.28 -0.69 20.70
C GLU A 251 -6.29 0.07 19.81
N CYS A 252 -6.44 -0.07 18.49
CA CYS A 252 -5.61 0.65 17.53
C CYS A 252 -5.76 2.17 17.59
N ALA A 253 -7.00 2.64 17.63
CA ALA A 253 -7.26 4.08 17.71
C ALA A 253 -6.70 4.70 18.98
N ASP A 254 -6.77 3.98 20.10
CA ASP A 254 -6.29 4.49 21.37
C ASP A 254 -4.77 4.65 21.43
N ASP A 255 -4.05 3.61 21.00
CA ASP A 255 -2.60 3.60 21.06
C ASP A 255 -1.97 4.54 20.03
N ARG A 256 -2.59 4.61 18.84
CA ARG A 256 -2.22 5.58 17.82
C ARG A 256 -2.34 7.02 18.30
N ALA A 257 -3.43 7.32 19.02
CA ALA A 257 -3.64 8.64 19.62
C ALA A 257 -2.59 8.94 20.70
N ASP A 258 -2.30 7.95 21.54
CA ASP A 258 -1.26 8.08 22.59
C ASP A 258 0.11 8.31 22.00
N LEU A 259 0.42 7.62 20.91
CA LEU A 259 1.70 7.79 20.21
C LEU A 259 1.88 9.19 19.64
N ALA A 260 0.84 9.70 18.97
CA ALA A 260 0.83 11.07 18.47
C ALA A 260 1.06 12.06 19.60
N LYS A 261 0.30 11.89 20.68
CA LYS A 261 0.47 12.68 21.91
C LYS A 261 1.90 12.65 22.42
N TYR A 262 2.49 11.46 22.47
CA TYR A 262 3.86 11.29 22.95
C TYR A 262 4.87 12.03 22.08
N ILE A 263 4.82 11.77 20.77
CA ILE A 263 5.72 12.41 19.81
C ILE A 263 5.67 13.94 19.93
N CYS A 264 4.47 14.49 20.06
CA CYS A 264 4.28 15.94 20.18
C CYS A 264 4.68 16.50 21.55
N GLU A 265 4.50 15.71 22.61
CA GLU A 265 5.04 16.06 23.94
C GLU A 265 6.57 16.19 23.95
N HIS A 266 7.25 15.39 23.14
CA HIS A 266 8.72 15.32 23.11
C HIS A 266 9.31 15.72 21.75
N GLN A 267 8.67 16.68 21.08
CA GLN A 267 9.08 17.07 19.72
C GLN A 267 10.45 17.77 19.65
N ASP A 268 10.82 18.48 20.72
CA ASP A 268 12.17 19.07 20.84
C ASP A 268 13.31 18.04 20.83
N SER A 269 13.04 16.81 21.26
CA SER A 269 14.04 15.73 21.21
C SER A 269 13.77 14.68 20.13
N ILE A 270 12.97 15.05 19.12
CA ILE A 270 12.59 14.15 18.02
C ILE A 270 12.84 14.82 16.66
N SER A 271 12.19 15.98 16.43
CA SER A 271 12.37 16.73 15.19
C SER A 271 11.77 18.13 15.27
N GLY A 272 12.45 19.09 14.66
CA GLY A 272 11.93 20.45 14.47
C GLY A 272 10.85 20.63 13.41
N LYS A 273 10.61 19.62 12.58
CA LYS A 273 9.56 19.67 11.54
C LYS A 273 8.16 19.30 12.03
N LEU A 274 8.03 18.93 13.31
CA LEU A 274 6.75 18.51 13.90
C LEU A 274 5.87 19.66 14.41
N LYS A 275 6.40 20.88 14.47
CA LYS A 275 5.70 22.02 15.09
C LYS A 275 4.31 22.27 14.53
N ALA A 276 4.18 22.25 13.20
CA ALA A 276 2.89 22.48 12.53
C ALA A 276 1.91 21.33 12.69
N CYS A 277 2.42 20.10 12.63
CA CYS A 277 1.62 18.89 12.87
C CYS A 277 1.02 18.85 14.26
N CYS A 278 1.81 19.27 15.25
CA CYS A 278 1.40 19.18 16.64
C CYS A 278 0.40 20.26 17.09
N ASP A 279 0.23 21.31 16.26
CA ASP A 279 -0.75 22.37 16.49
C ASP A 279 -2.08 22.08 15.77
N LYS A 280 -2.55 20.84 15.87
CA LYS A 280 -3.74 20.36 15.12
C LYS A 280 -4.64 19.45 15.95
N PRO A 281 -5.92 19.29 15.53
CA PRO A 281 -6.79 18.31 16.19
C PRO A 281 -6.34 16.87 16.01
N LEU A 282 -7.01 15.95 16.69
CA LEU A 282 -6.51 14.59 16.91
C LEU A 282 -6.10 13.85 15.63
N LEU A 283 -7.06 13.63 14.73
CA LEU A 283 -6.83 12.83 13.52
C LEU A 283 -5.89 13.52 12.52
N GLN A 284 -6.05 14.84 12.40
CA GLN A 284 -5.17 15.69 11.59
C GLN A 284 -3.72 15.58 12.03
N LYS A 285 -3.52 15.57 13.35
CA LYS A 285 -2.21 15.52 13.98
C LYS A 285 -1.51 14.19 13.70
N SER A 286 -2.20 13.08 13.95
CA SER A 286 -1.65 11.75 13.72
C SER A 286 -1.19 11.60 12.28
N HIS A 287 -2.07 11.97 11.34
CA HIS A 287 -1.79 11.91 9.90
C HIS A 287 -0.60 12.79 9.48
N CYS A 288 -0.53 13.99 10.03
CA CYS A 288 0.56 14.91 9.69
C CYS A 288 1.92 14.36 10.13
N ILE A 289 1.99 13.83 11.35
CA ILE A 289 3.18 13.17 11.89
C ILE A 289 3.65 12.03 10.99
N ALA A 290 2.72 11.17 10.59
CA ALA A 290 3.01 10.04 9.72
C ALA A 290 3.61 10.44 8.36
N GLU A 291 3.21 11.60 7.83
CA GLU A 291 3.71 12.10 6.55
C GLU A 291 4.70 13.27 6.67
N VAL A 292 5.23 13.49 7.89
CA VAL A 292 6.15 14.61 8.13
C VAL A 292 7.41 14.43 7.29
N LYS A 293 7.93 15.56 6.80
CA LYS A 293 9.20 15.56 6.08
C LYS A 293 10.35 15.23 7.03
N GLU A 294 11.44 14.76 6.43
CA GLU A 294 12.63 14.38 7.18
C GLU A 294 13.29 15.63 7.77
N ASP A 295 13.84 15.49 8.97
CA ASP A 295 14.56 16.57 9.62
C ASP A 295 15.91 16.78 8.94
N ASP A 296 16.46 17.98 9.10
CA ASP A 296 17.79 18.33 8.61
C ASP A 296 18.85 17.49 9.32
N LEU A 297 19.91 17.12 8.60
CA LEU A 297 20.96 16.31 9.19
C LEU A 297 21.66 17.07 10.31
N PRO A 298 21.77 16.45 11.50
CA PRO A 298 22.59 17.04 12.57
C PRO A 298 24.06 17.20 12.17
N SER A 299 24.65 18.30 12.61
CA SER A 299 26.09 18.55 12.44
C SER A 299 26.95 17.52 13.17
N ASP A 300 26.46 17.02 14.30
CA ASP A 300 27.22 16.17 15.23
C ASP A 300 27.00 14.65 15.08
N LEU A 301 26.49 14.21 13.93
CA LEU A 301 26.32 12.78 13.67
C LEU A 301 27.68 12.10 13.75
N PRO A 302 27.76 10.94 14.42
CA PRO A 302 29.05 10.34 14.70
C PRO A 302 29.63 9.62 13.49
N ALA A 303 30.95 9.60 13.40
CA ALA A 303 31.62 8.70 12.48
C ALA A 303 31.36 7.26 12.95
N LEU A 304 31.10 6.37 12.00
CA LEU A 304 30.69 5.00 12.29
C LEU A 304 31.75 3.92 12.10
N ALA A 305 32.81 4.24 11.36
CA ALA A 305 33.90 3.30 11.09
C ALA A 305 34.57 2.76 12.35
N ALA A 306 34.78 3.64 13.32
CA ALA A 306 35.40 3.27 14.61
C ALA A 306 34.66 2.12 15.29
N ASP A 307 33.36 2.29 15.50
CA ASP A 307 32.55 1.29 16.21
C ASP A 307 32.12 0.08 15.39
N PHE A 308 31.88 0.26 14.09
CA PHE A 308 31.30 -0.80 13.24
C PHE A 308 32.26 -1.52 12.29
N ALA A 309 33.45 -0.96 12.08
CA ALA A 309 34.48 -1.56 11.22
C ALA A 309 35.86 -1.71 11.88
N GLU A 310 36.30 -0.69 12.61
CA GLU A 310 37.67 -0.63 13.16
C GLU A 310 37.83 -1.27 14.55
N ASP A 311 36.75 -1.33 15.32
CA ASP A 311 36.78 -1.88 16.69
C ASP A 311 37.16 -3.36 16.69
N LYS A 312 38.05 -3.71 17.62
CA LYS A 312 38.67 -5.03 17.68
C LYS A 312 37.80 -6.13 18.31
N GLU A 313 36.76 -5.75 19.03
CA GLU A 313 35.89 -6.74 19.71
C GLU A 313 34.46 -6.79 19.15
N ILE A 314 34.31 -6.51 17.85
CA ILE A 314 33.00 -6.51 17.19
C ILE A 314 32.35 -7.91 17.22
N CYS A 315 33.15 -8.94 16.97
CA CYS A 315 32.67 -10.33 17.01
C CYS A 315 32.06 -10.71 18.36
N LYS A 316 32.74 -10.33 19.45
CA LYS A 316 32.22 -10.55 20.80
C LYS A 316 30.93 -9.75 21.03
N HIS A 317 30.95 -8.48 20.65
CA HIS A 317 29.77 -7.61 20.79
C HIS A 317 28.58 -8.12 19.98
N TYR A 318 28.87 -8.60 18.77
CA TYR A 318 27.87 -9.19 17.87
C TYR A 318 27.31 -10.51 18.42
N LYS A 319 28.20 -11.40 18.86
CA LYS A 319 27.82 -12.70 19.44
C LYS A 319 27.02 -12.54 20.74
N ASP A 320 27.41 -11.58 21.59
CA ASP A 320 26.73 -11.31 22.87
C ASP A 320 25.24 -11.03 22.70
N ALA A 321 24.93 -10.12 21.78
CA ALA A 321 23.54 -9.77 21.43
C ALA A 321 23.52 -9.22 20.00
N LYS A 322 23.07 -10.04 19.05
CA LYS A 322 23.04 -9.69 17.63
C LYS A 322 22.02 -8.59 17.34
N ASP A 323 20.79 -8.79 17.81
CA ASP A 323 19.66 -7.87 17.56
C ASP A 323 19.91 -6.43 17.99
N VAL A 324 20.47 -6.27 19.19
CA VAL A 324 20.83 -4.94 19.70
C VAL A 324 21.94 -4.32 18.86
N PHE A 325 22.98 -5.09 18.55
CA PHE A 325 24.12 -4.58 17.78
C PHE A 325 23.73 -4.15 16.35
N LEU A 326 23.00 -5.01 15.66
CA LEU A 326 22.49 -4.71 14.31
C LEU A 326 21.44 -3.61 14.30
N GLY A 327 20.54 -3.64 15.30
CA GLY A 327 19.60 -2.56 15.55
C GLY A 327 20.30 -1.22 15.64
N THR A 328 21.39 -1.18 16.42
CA THR A 328 22.19 0.03 16.57
C THR A 328 22.81 0.46 15.26
N PHE A 329 23.38 -0.49 14.54
CA PHE A 329 23.93 -0.23 13.21
C PHE A 329 22.88 0.35 12.27
N LEU A 330 21.73 -0.30 12.20
CA LEU A 330 20.66 0.12 11.28
C LEU A 330 20.18 1.55 11.60
N TYR A 331 20.00 1.82 12.90
CA TYR A 331 19.65 3.16 13.39
C TYR A 331 20.65 4.21 12.89
N GLU A 332 21.93 4.00 13.23
CA GLU A 332 22.99 4.95 12.92
C GLU A 332 23.16 5.19 11.41
N TYR A 333 23.14 4.10 10.65
CA TYR A 333 23.33 4.18 9.19
C TYR A 333 22.13 4.79 8.48
N SER A 334 20.93 4.59 9.02
CA SER A 334 19.70 5.16 8.46
C SER A 334 19.55 6.69 8.70
N ARG A 335 20.00 7.17 9.85
CA ARG A 335 20.00 8.61 10.17
C ARG A 335 20.74 9.45 9.15
N ARG A 336 21.94 9.00 8.81
CA ARG A 336 22.83 9.68 7.88
C ARG A 336 22.49 9.48 6.40
N HIS A 337 21.53 8.59 6.10
CA HIS A 337 21.13 8.30 4.72
C HIS A 337 19.62 8.44 4.45
N PRO A 338 19.11 9.68 4.47
CA PRO A 338 17.76 9.94 3.95
C PRO A 338 17.69 9.87 2.42
N ASP A 339 18.85 9.85 1.77
CA ASP A 339 18.98 9.66 0.32
C ASP A 339 18.92 8.19 -0.14
N TYR A 340 18.84 7.23 0.79
CA TYR A 340 18.61 5.81 0.46
C TYR A 340 17.16 5.41 0.74
N SER A 341 16.68 4.42 0.00
CA SER A 341 15.35 3.86 0.23
C SER A 341 15.40 2.98 1.47
N VAL A 342 14.23 2.69 2.02
CA VAL A 342 14.15 1.86 3.23
C VAL A 342 14.68 0.45 2.95
N SER A 343 14.27 -0.14 1.84
CA SER A 343 14.68 -1.50 1.50
C SER A 343 16.19 -1.60 1.17
N LEU A 344 16.77 -0.51 0.68
CA LEU A 344 18.23 -0.46 0.46
C LEU A 344 18.96 -0.53 1.80
N LEU A 345 18.53 0.31 2.74
CA LEU A 345 19.06 0.28 4.11
C LEU A 345 18.96 -1.11 4.77
N LEU A 346 17.83 -1.79 4.57
CA LEU A 346 17.66 -3.14 5.08
C LEU A 346 18.57 -4.15 4.37
N ARG A 347 18.81 -3.94 3.08
CA ARG A 347 19.77 -4.74 2.32
C ARG A 347 21.20 -4.54 2.83
N ILE A 348 21.55 -3.30 3.10
CA ILE A 348 22.86 -2.94 3.65
C ILE A 348 23.05 -3.58 5.04
N ALA A 349 22.05 -3.49 5.90
CA ALA A 349 22.07 -4.14 7.21
C ALA A 349 22.27 -5.66 7.11
N LYS A 350 21.58 -6.27 6.16
CA LYS A 350 21.70 -7.71 5.89
C LYS A 350 23.11 -8.11 5.42
N THR A 351 23.71 -7.25 4.59
CA THR A 351 25.10 -7.43 4.16
C THR A 351 26.06 -7.24 5.34
N TYR A 352 25.79 -6.25 6.19
CA TYR A 352 26.59 -6.06 7.41
C TYR A 352 26.60 -7.31 8.28
N GLU A 353 25.41 -7.84 8.55
CA GLU A 353 25.24 -9.10 9.31
C GLU A 353 26.01 -10.24 8.66
N ALA A 354 25.83 -10.40 7.36
CA ALA A 354 26.48 -11.48 6.59
C ALA A 354 28.00 -11.39 6.64
N THR A 355 28.53 -10.18 6.52
CA THR A 355 29.98 -9.95 6.60
C THR A 355 30.55 -10.38 7.96
N LEU A 356 29.87 -10.03 9.05
CA LEU A 356 30.29 -10.46 10.40
C LEU A 356 30.08 -11.95 10.67
N GLU A 357 29.02 -12.55 10.12
CA GLU A 357 28.85 -14.01 10.22
C GLU A 357 30.01 -14.75 9.57
N LYS A 358 30.44 -14.26 8.40
CA LYS A 358 31.59 -14.81 7.70
C LYS A 358 32.90 -14.50 8.42
N CYS A 359 33.18 -13.21 8.63
CA CYS A 359 34.46 -12.75 9.18
C CYS A 359 34.77 -13.30 10.59
N CYS A 360 33.77 -13.41 11.45
CA CYS A 360 33.95 -13.90 12.83
C CYS A 360 34.12 -15.41 12.95
N ALA A 361 33.95 -16.13 11.84
CA ALA A 361 34.28 -17.56 11.76
C ALA A 361 35.70 -17.80 11.26
N GLU A 362 36.27 -16.82 10.56
CA GLU A 362 37.66 -16.88 10.08
C GLU A 362 38.67 -16.67 11.21
N ALA A 363 39.93 -17.01 10.90
CA ALA A 363 41.04 -16.99 11.86
C ALA A 363 41.39 -15.59 12.41
N ASP A 364 41.40 -14.58 11.52
CA ASP A 364 41.69 -13.18 11.87
C ASP A 364 40.52 -12.28 11.44
N PRO A 365 39.45 -12.21 12.27
CA PRO A 365 38.26 -11.45 11.87
C PRO A 365 38.44 -9.95 11.56
N PRO A 366 39.20 -9.20 12.39
CA PRO A 366 39.28 -7.73 12.15
C PRO A 366 39.81 -7.28 10.78
N ALA A 367 40.78 -7.99 10.24
CA ALA A 367 41.27 -7.74 8.87
C ALA A 367 40.20 -8.04 7.81
N CYS A 368 39.36 -9.03 8.08
CA CYS A 368 38.25 -9.39 7.20
C CYS A 368 37.15 -8.31 7.21
N TYR A 369 36.67 -7.93 8.40
CA TYR A 369 35.56 -6.96 8.51
C TYR A 369 35.96 -5.48 8.47
N ARG A 370 37.26 -5.20 8.36
CA ARG A 370 37.75 -3.83 8.18
C ARG A 370 37.18 -3.14 6.92
N THR A 371 36.94 -3.92 5.87
CA THR A 371 36.38 -3.43 4.60
C THR A 371 34.88 -3.69 4.45
N VAL A 372 34.15 -3.71 5.56
CA VAL A 372 32.72 -4.09 5.55
C VAL A 372 31.84 -3.01 4.89
N PHE A 373 32.16 -1.74 5.13
CA PHE A 373 31.39 -0.62 4.55
C PHE A 373 31.54 -0.54 3.03
N ASP A 374 32.66 -1.04 2.51
CA ASP A 374 32.91 -1.09 1.06
C ASP A 374 32.10 -2.17 0.32
N GLN A 375 31.56 -3.12 1.06
CA GLN A 375 30.61 -4.11 0.53
C GLN A 375 29.26 -3.48 0.16
N PHE A 376 28.99 -2.30 0.73
CA PHE A 376 27.76 -1.55 0.45
C PHE A 376 27.77 -0.85 -0.91
N THR A 377 28.95 -0.52 -1.42
CA THR A 377 29.06 0.23 -2.68
C THR A 377 28.20 -0.33 -3.83
N PRO A 378 28.36 -1.62 -4.20
CA PRO A 378 27.54 -2.15 -5.29
C PRO A 378 26.02 -2.21 -5.00
N LEU A 379 25.64 -2.30 -3.73
CA LEU A 379 24.23 -2.25 -3.34
C LEU A 379 23.61 -0.87 -3.55
N VAL A 380 24.41 0.18 -3.39
CA VAL A 380 23.94 1.56 -3.54
C VAL A 380 23.83 1.96 -5.01
N GLU A 381 24.82 1.57 -5.82
CA GLU A 381 24.89 1.99 -7.23
C GLU A 381 23.89 1.28 -8.17
N GLU A 382 23.50 0.06 -7.84
CA GLU A 382 22.51 -0.70 -8.65
C GLU A 382 21.14 0.01 -8.79
N PRO A 383 20.47 0.34 -7.66
CA PRO A 383 19.21 1.10 -7.76
C PRO A 383 19.35 2.56 -8.21
N LYS A 384 20.49 3.19 -7.93
CA LYS A 384 20.79 4.54 -8.44
C LYS A 384 20.81 4.61 -9.97
N SER A 385 21.36 3.57 -10.59
CA SER A 385 21.36 3.43 -12.05
C SER A 385 19.96 3.23 -12.64
N LEU A 386 19.16 2.39 -12.00
CA LEU A 386 17.81 2.08 -12.49
C LEU A 386 16.85 3.25 -12.37
N VAL A 387 17.00 4.04 -11.32
CA VAL A 387 16.21 5.26 -11.16
C VAL A 387 16.58 6.31 -12.21
N LYS A 388 17.89 6.48 -12.46
CA LYS A 388 18.36 7.40 -13.51
C LYS A 388 17.90 6.94 -14.91
N LYS A 389 18.07 5.65 -15.20
CA LYS A 389 17.62 5.02 -16.47
C LYS A 389 16.12 5.20 -16.73
N ASN A 390 15.30 4.84 -15.73
CA ASN A 390 13.84 4.93 -15.84
C ASN A 390 13.29 6.35 -15.83
N CYS A 391 13.88 7.24 -15.05
CA CYS A 391 13.49 8.65 -15.09
C CYS A 391 13.91 9.34 -16.39
N ASP A 392 15.07 8.97 -16.93
CA ASP A 392 15.49 9.43 -18.26
C ASP A 392 14.49 9.00 -19.30
N LEU A 393 14.09 7.73 -19.24
CA LEU A 393 13.07 7.18 -20.13
C LEU A 393 11.74 7.92 -19.96
N PHE A 394 11.29 8.08 -18.71
CA PHE A 394 10.02 8.74 -18.41
C PHE A 394 10.00 10.20 -18.89
N GLU A 395 11.09 10.92 -18.66
CA GLU A 395 11.22 12.30 -19.12
C GLU A 395 11.09 12.42 -20.64
N GLU A 396 11.67 11.46 -21.36
CA GLU A 396 11.67 11.46 -22.82
C GLU A 396 10.29 11.20 -23.40
N VAL A 397 9.66 10.10 -22.97
CA VAL A 397 8.45 9.57 -23.65
C VAL A 397 7.10 9.85 -22.97
N GLY A 398 7.12 10.21 -21.70
CA GLY A 398 5.90 10.54 -20.95
C GLY A 398 5.27 9.34 -20.28
N GLU A 399 4.26 9.62 -19.46
CA GLU A 399 3.62 8.59 -18.62
C GLU A 399 3.07 7.38 -19.38
N TYR A 400 2.29 7.61 -20.44
CA TYR A 400 1.62 6.54 -21.20
C TYR A 400 2.60 5.55 -21.84
N ASP A 401 3.58 6.07 -22.57
CA ASP A 401 4.63 5.22 -23.16
C ASP A 401 5.53 4.56 -22.10
N PHE A 402 5.76 5.24 -20.97
CA PHE A 402 6.52 4.66 -19.85
C PHE A 402 5.76 3.50 -19.22
N GLN A 403 4.46 3.67 -19.03
CA GLN A 403 3.60 2.59 -18.55
C GLN A 403 3.60 1.40 -19.52
N ASN A 404 3.58 1.68 -20.81
CA ASN A 404 3.62 0.65 -21.85
C ASN A 404 4.91 -0.14 -21.82
N ALA A 405 6.02 0.59 -21.68
CA ALA A 405 7.34 -0.02 -21.49
C ALA A 405 7.38 -1.01 -20.32
N LEU A 406 6.76 -0.62 -19.20
CA LEU A 406 6.68 -1.50 -18.00
C LEU A 406 5.69 -2.65 -18.14
N ILE A 407 4.56 -2.42 -18.83
CA ILE A 407 3.60 -3.49 -19.11
C ILE A 407 4.26 -4.57 -19.96
N VAL A 408 5.04 -4.17 -20.97
CA VAL A 408 5.80 -5.12 -21.79
C VAL A 408 6.82 -5.84 -20.91
N ARG A 409 7.54 -5.05 -20.10
CA ARG A 409 8.61 -5.55 -19.25
C ARG A 409 8.08 -6.63 -18.29
N TYR A 410 6.95 -6.35 -17.64
CA TYR A 410 6.37 -7.26 -16.64
C TYR A 410 5.56 -8.42 -17.21
N THR A 411 4.94 -8.25 -18.37
CA THR A 411 4.23 -9.33 -19.06
C THR A 411 5.22 -10.40 -19.54
N LYS A 412 6.39 -9.98 -19.99
CA LYS A 412 7.50 -10.92 -20.28
C LYS A 412 8.00 -11.67 -19.04
N LYS A 413 8.10 -11.00 -17.91
CA LYS A 413 8.53 -11.64 -16.66
C LYS A 413 7.54 -12.69 -16.19
N ALA A 414 6.25 -12.36 -16.27
CA ALA A 414 5.18 -13.19 -15.73
C ALA A 414 3.96 -13.18 -16.66
N PRO A 415 4.07 -13.84 -17.83
CA PRO A 415 2.97 -13.87 -18.80
C PRO A 415 1.71 -14.65 -18.37
N GLN A 416 1.84 -15.46 -17.31
CA GLN A 416 0.72 -16.22 -16.76
C GLN A 416 -0.23 -15.34 -15.95
N VAL A 417 0.22 -14.16 -15.54
CA VAL A 417 -0.63 -13.21 -14.82
C VAL A 417 -1.73 -12.69 -15.75
N SER A 418 -2.92 -12.43 -15.20
CA SER A 418 -4.05 -11.94 -15.96
C SER A 418 -3.75 -10.58 -16.57
N THR A 419 -4.34 -10.31 -17.72
CA THR A 419 -4.13 -9.04 -18.43
C THR A 419 -4.52 -7.82 -17.58
N PRO A 420 -5.69 -7.86 -16.91
CA PRO A 420 -6.06 -6.76 -16.00
C PRO A 420 -5.03 -6.45 -14.91
N THR A 421 -4.50 -7.49 -14.26
CA THR A 421 -3.45 -7.33 -13.24
C THR A 421 -2.17 -6.74 -13.82
N LEU A 422 -1.67 -7.30 -14.91
CA LEU A 422 -0.48 -6.76 -15.59
C LEU A 422 -0.65 -5.29 -15.96
N VAL A 423 -1.80 -4.94 -16.53
CA VAL A 423 -2.14 -3.56 -16.90
C VAL A 423 -2.23 -2.65 -15.67
N GLU A 424 -2.88 -3.14 -14.60
CA GLU A 424 -2.96 -2.41 -13.34
C GLU A 424 -1.58 -2.12 -12.74
N ILE A 425 -0.74 -3.15 -12.68
CA ILE A 425 0.59 -3.03 -12.06
C ILE A 425 1.54 -2.15 -12.89
N GLY A 426 1.55 -2.35 -14.19
CA GLY A 426 2.29 -1.49 -15.12
C GLY A 426 1.90 -0.01 -15.08
N ARG A 427 0.60 0.26 -14.92
CA ARG A 427 0.09 1.63 -14.78
C ARG A 427 0.49 2.25 -13.44
N THR A 428 0.34 1.48 -12.36
CA THR A 428 0.73 1.91 -11.01
C THR A 428 2.23 2.20 -10.92
N LEU A 429 3.03 1.27 -11.41
CA LEU A 429 4.48 1.43 -11.49
C LEU A 429 4.88 2.68 -12.28
N GLY A 430 4.19 2.93 -13.39
CA GLY A 430 4.40 4.13 -14.21
C GLY A 430 4.09 5.45 -13.50
N LYS A 431 3.09 5.44 -12.63
CA LYS A 431 2.75 6.62 -11.80
C LYS A 431 3.87 7.00 -10.82
N VAL A 432 4.73 6.04 -10.48
CA VAL A 432 5.91 6.30 -9.65
C VAL A 432 6.89 7.24 -10.37
N GLY A 433 6.98 7.12 -11.69
CA GLY A 433 7.75 8.06 -12.50
C GLY A 433 7.24 9.49 -12.39
N SER A 434 5.95 9.67 -12.57
CA SER A 434 5.34 10.99 -12.51
C SER A 434 5.42 11.65 -11.11
N ARG A 435 5.37 10.82 -10.07
CA ARG A 435 5.51 11.29 -8.69
C ARG A 435 6.98 11.63 -8.34
N CYS A 436 7.89 10.72 -8.65
CA CYS A 436 9.26 10.76 -8.12
C CYS A 436 10.29 11.46 -9.00
N CYS A 437 10.23 11.23 -10.32
CA CYS A 437 11.22 11.81 -11.24
C CYS A 437 11.21 13.35 -11.27
N LYS A 438 10.06 13.96 -10.97
CA LYS A 438 9.93 15.42 -10.87
C LYS A 438 10.56 16.03 -9.60
N LEU A 439 10.73 15.22 -8.56
CA LEU A 439 11.34 15.67 -7.30
C LEU A 439 12.82 16.02 -7.46
N PRO A 440 13.39 16.79 -6.50
CA PRO A 440 14.83 16.97 -6.38
C PRO A 440 15.56 15.63 -6.43
N GLU A 441 16.72 15.60 -7.07
CA GLU A 441 17.35 14.33 -7.43
C GLU A 441 17.85 13.49 -6.24
N SER A 442 18.09 14.13 -5.09
CA SER A 442 18.44 13.41 -3.85
C SER A 442 17.26 12.61 -3.26
N GLU A 443 16.04 13.01 -3.60
CA GLU A 443 14.80 12.35 -3.16
C GLU A 443 14.25 11.30 -4.14
N ARG A 444 14.81 11.25 -5.35
CA ARG A 444 14.35 10.31 -6.40
C ARG A 444 14.45 8.85 -6.00
N LEU A 445 15.64 8.42 -5.57
CA LEU A 445 15.86 7.03 -5.17
C LEU A 445 14.91 6.58 -4.04
N PRO A 446 14.85 7.33 -2.92
CA PRO A 446 13.96 6.88 -1.85
C PRO A 446 12.49 6.81 -2.28
N CYS A 447 11.99 7.90 -2.87
CA CYS A 447 10.63 7.96 -3.44
C CYS A 447 10.31 6.77 -4.34
N SER A 448 11.20 6.51 -5.29
CA SER A 448 11.02 5.48 -6.30
C SER A 448 10.89 4.10 -5.66
N GLU A 449 11.92 3.70 -4.92
CA GLU A 449 11.95 2.37 -4.31
C GLU A 449 10.89 2.18 -3.21
N ASN A 450 10.64 3.22 -2.42
CA ASN A 450 9.58 3.17 -1.41
C ASN A 450 8.20 2.96 -2.05
N HIS A 451 7.96 3.56 -3.20
CA HIS A 451 6.68 3.42 -3.91
C HIS A 451 6.59 2.15 -4.76
N LEU A 452 7.69 1.77 -5.41
CA LEU A 452 7.77 0.46 -6.07
C LEU A 452 7.39 -0.68 -5.12
N ALA A 453 7.86 -0.60 -3.88
CA ALA A 453 7.53 -1.58 -2.83
C ALA A 453 6.04 -1.71 -2.58
N LEU A 454 5.37 -0.55 -2.57
CA LEU A 454 3.91 -0.48 -2.43
C LEU A 454 3.20 -1.15 -3.62
N ALA A 455 3.69 -0.88 -4.82
CA ALA A 455 3.12 -1.42 -6.03
C ALA A 455 3.38 -2.94 -6.15
N LEU A 456 4.60 -3.36 -5.83
CA LEU A 456 4.94 -4.79 -5.86
C LEU A 456 4.21 -5.59 -4.78
N ASN A 457 3.97 -4.98 -3.61
CA ASN A 457 3.19 -5.64 -2.56
C ASN A 457 1.73 -5.84 -2.99
N ARG A 458 1.19 -4.86 -3.71
CA ARG A 458 -0.12 -5.00 -4.36
C ARG A 458 -0.11 -6.21 -5.28
N LEU A 459 0.88 -6.30 -6.16
CA LEU A 459 1.05 -7.46 -7.04
C LEU A 459 1.14 -8.78 -6.26
N CYS A 460 1.88 -8.78 -5.15
CA CYS A 460 2.04 -9.96 -4.32
C CYS A 460 0.76 -10.40 -3.61
N VAL A 461 -0.05 -9.43 -3.19
CA VAL A 461 -1.34 -9.71 -2.55
C VAL A 461 -2.30 -10.31 -3.57
N LEU A 462 -2.36 -9.72 -4.76
CA LEU A 462 -3.11 -10.31 -5.87
C LEU A 462 -2.63 -11.73 -6.17
N HIS A 463 -1.33 -11.96 -6.10
CA HIS A 463 -0.77 -13.29 -6.31
C HIS A 463 -1.15 -14.33 -5.26
N GLU A 464 -1.33 -13.90 -4.01
CA GLU A 464 -1.83 -14.81 -2.96
C GLU A 464 -3.23 -15.35 -3.29
N LYS A 465 -4.09 -14.47 -3.81
CA LYS A 465 -5.44 -14.85 -4.21
C LYS A 465 -5.39 -15.80 -5.41
N THR A 466 -4.77 -15.34 -6.49
CA THR A 466 -4.67 -16.08 -7.75
C THR A 466 -3.20 -16.34 -8.10
N PRO A 467 -2.61 -17.41 -7.52
CA PRO A 467 -1.23 -17.76 -7.87
C PRO A 467 -1.13 -18.43 -9.26
N VAL A 468 -0.18 -17.93 -10.05
CA VAL A 468 0.07 -18.39 -11.42
C VAL A 468 1.55 -18.66 -11.77
N SER A 469 2.47 -18.28 -10.90
CA SER A 469 3.89 -18.20 -11.26
C SER A 469 4.77 -18.43 -10.03
N GLU A 470 5.59 -19.49 -10.06
CA GLU A 470 6.56 -19.79 -8.99
C GLU A 470 7.65 -18.72 -8.84
N LYS A 471 7.99 -18.05 -9.94
CA LYS A 471 8.95 -16.95 -9.93
C LYS A 471 8.44 -15.76 -9.12
N ILE A 472 7.16 -15.43 -9.28
CA ILE A 472 6.52 -14.38 -8.48
C ILE A 472 6.42 -14.79 -7.00
N THR A 473 6.05 -16.04 -6.74
CA THR A 473 5.96 -16.54 -5.37
C THR A 473 7.29 -16.40 -4.64
N LYS A 474 8.38 -16.76 -5.30
CA LYS A 474 9.71 -16.64 -4.69
C LYS A 474 10.08 -15.19 -4.38
N CYS A 475 9.89 -14.31 -5.34
CA CYS A 475 10.12 -12.87 -5.10
C CYS A 475 9.25 -12.27 -4.01
N CYS A 476 8.02 -12.75 -3.89
CA CYS A 476 7.06 -12.22 -2.92
C CYS A 476 7.29 -12.73 -1.51
N THR A 477 7.84 -13.95 -1.38
CA THR A 477 7.90 -14.66 -0.09
C THR A 477 9.29 -14.84 0.52
N ASP A 478 10.35 -14.75 -0.28
CA ASP A 478 11.72 -15.04 0.21
C ASP A 478 12.25 -13.98 1.15
N SER A 479 12.16 -12.71 0.75
CA SER A 479 12.74 -11.61 1.51
C SER A 479 12.10 -10.28 1.16
N LEU A 480 11.65 -9.57 2.20
CA LEU A 480 11.05 -8.25 2.05
C LEU A 480 12.02 -7.21 1.45
N ALA A 481 13.25 -7.21 1.94
CA ALA A 481 14.27 -6.26 1.49
C ALA A 481 14.70 -6.49 0.05
N GLU A 482 14.66 -7.76 -0.38
CA GLU A 482 15.10 -8.18 -1.73
C GLU A 482 14.01 -8.16 -2.81
N ARG A 483 12.77 -7.83 -2.46
CA ARG A 483 11.65 -7.85 -3.42
C ARG A 483 11.94 -7.15 -4.73
N ARG A 484 12.28 -5.87 -4.65
CA ARG A 484 12.42 -5.05 -5.84
C ARG A 484 13.59 -5.53 -6.72
N PRO A 485 14.77 -5.82 -6.14
CA PRO A 485 15.80 -6.50 -6.92
C PRO A 485 15.42 -7.86 -7.50
N CYS A 486 14.65 -8.66 -6.75
CA CYS A 486 14.18 -9.97 -7.22
C CYS A 486 13.31 -9.88 -8.48
N PHE A 487 12.35 -8.94 -8.47
CA PHE A 487 11.49 -8.69 -9.64
C PHE A 487 12.27 -8.13 -10.83
N SER A 488 13.22 -7.24 -10.56
CA SER A 488 14.10 -6.69 -11.59
C SER A 488 14.92 -7.77 -12.29
N ALA A 489 15.38 -8.76 -11.51
CA ALA A 489 16.22 -9.84 -12.02
C ALA A 489 15.48 -10.84 -12.92
N LEU A 490 14.16 -10.90 -12.80
CA LEU A 490 13.34 -11.74 -13.67
C LEU A 490 13.45 -11.30 -15.13
N GLU A 491 13.59 -12.29 -16.01
CA GLU A 491 13.51 -12.09 -17.46
C GLU A 491 12.48 -13.04 -18.06
N LEU A 492 12.24 -12.90 -19.36
CA LEU A 492 11.36 -13.80 -20.10
C LEU A 492 11.68 -15.27 -19.81
N ASP A 493 10.69 -16.00 -19.35
CA ASP A 493 10.84 -17.44 -19.13
C ASP A 493 10.79 -18.17 -20.48
N GLU A 494 11.87 -18.91 -20.77
CA GLU A 494 12.02 -19.63 -22.05
C GLU A 494 11.15 -20.89 -22.17
N GLY A 495 10.49 -21.29 -21.08
CA GLY A 495 9.56 -22.43 -21.06
C GLY A 495 8.12 -22.09 -21.42
N TYR A 496 7.70 -20.84 -21.18
CA TYR A 496 6.33 -20.38 -21.46
C TYR A 496 5.89 -20.66 -22.90
N VAL A 497 4.70 -21.23 -23.04
CA VAL A 497 4.12 -21.55 -24.33
C VAL A 497 3.36 -20.31 -24.80
N PRO A 498 3.73 -19.73 -25.98
CA PRO A 498 3.03 -18.55 -26.45
C PRO A 498 1.52 -18.75 -26.54
N LYS A 499 0.78 -17.76 -26.08
CA LYS A 499 -0.67 -17.86 -25.93
C LYS A 499 -1.38 -18.03 -27.27
N GLU A 500 -2.23 -19.07 -27.32
CA GLU A 500 -3.16 -19.34 -28.43
C GLU A 500 -3.73 -18.07 -29.05
N PHE A 501 -3.56 -17.92 -30.36
CA PHE A 501 -4.01 -16.71 -31.05
C PHE A 501 -5.51 -16.71 -31.28
N LYS A 502 -6.22 -15.78 -30.63
CA LYS A 502 -7.62 -15.50 -30.92
C LYS A 502 -7.71 -14.06 -31.47
N ALA A 503 -8.21 -13.94 -32.69
CA ALA A 503 -8.36 -12.62 -33.36
C ALA A 503 -9.38 -11.69 -32.68
N GLU A 504 -10.38 -12.28 -32.02
CA GLU A 504 -11.36 -11.56 -31.20
C GLU A 504 -10.73 -10.71 -30.09
N THR A 505 -9.60 -11.18 -29.56
CA THR A 505 -8.83 -10.47 -28.53
C THR A 505 -8.38 -9.08 -28.99
N PHE A 506 -7.95 -8.98 -30.25
CA PHE A 506 -7.40 -7.74 -30.81
C PHE A 506 -8.39 -6.95 -31.68
N THR A 507 -9.68 -7.27 -31.54
CA THR A 507 -10.76 -6.62 -32.29
C THR A 507 -11.32 -5.44 -31.48
N PHE A 508 -11.39 -4.28 -32.13
CA PHE A 508 -11.99 -3.08 -31.53
C PHE A 508 -13.31 -2.72 -32.22
N HIS A 509 -14.08 -1.89 -31.54
CA HIS A 509 -15.40 -1.43 -32.02
C HIS A 509 -15.64 -0.01 -31.56
N ALA A 510 -16.64 0.64 -32.15
CA ALA A 510 -16.87 2.08 -31.98
C ALA A 510 -17.18 2.56 -30.55
N ASP A 511 -17.62 1.65 -29.67
CA ASP A 511 -17.84 1.97 -28.23
C ASP A 511 -16.61 2.61 -27.54
N ILE A 512 -15.41 2.20 -27.96
CA ILE A 512 -14.14 2.80 -27.50
C ILE A 512 -14.05 4.34 -27.66
N CYS A 513 -14.68 4.86 -28.71
CA CYS A 513 -14.61 6.29 -29.05
C CYS A 513 -15.23 7.23 -28.01
N THR A 514 -16.33 6.80 -27.39
CA THR A 514 -17.03 7.58 -26.35
C THR A 514 -16.42 7.45 -24.94
N LEU A 515 -15.44 6.57 -24.76
CA LEU A 515 -14.75 6.39 -23.47
C LEU A 515 -13.88 7.58 -23.11
N PRO A 516 -13.67 7.85 -21.80
CA PRO A 516 -12.64 8.78 -21.37
C PRO A 516 -11.24 8.39 -21.84
N GLU A 517 -10.31 9.32 -21.77
CA GLU A 517 -8.95 9.08 -22.28
C GLU A 517 -8.25 7.97 -21.49
N ASP A 518 -8.44 7.94 -20.18
CA ASP A 518 -7.90 6.88 -19.31
C ASP A 518 -8.40 5.49 -19.70
N GLU A 519 -9.71 5.37 -19.90
CA GLU A 519 -10.34 4.10 -20.26
C GLU A 519 -9.97 3.63 -21.67
N LYS A 520 -9.72 4.58 -22.59
CA LYS A 520 -9.12 4.28 -23.90
C LYS A 520 -7.72 3.67 -23.79
N GLN A 521 -6.88 4.33 -23.01
CA GLN A 521 -5.51 3.86 -22.77
C GLN A 521 -5.53 2.44 -22.23
N ILE A 522 -6.32 2.23 -21.17
CA ILE A 522 -6.45 0.90 -20.55
C ILE A 522 -6.73 -0.19 -21.59
N LYS A 523 -7.69 0.06 -22.48
CA LYS A 523 -8.04 -0.91 -23.54
C LYS A 523 -6.88 -1.20 -24.49
N LYS A 524 -6.18 -0.15 -24.89
CA LYS A 524 -4.96 -0.29 -25.72
C LYS A 524 -3.83 -1.04 -24.97
N GLN A 525 -3.63 -0.65 -23.71
CA GLN A 525 -2.66 -1.30 -22.85
C GLN A 525 -2.97 -2.78 -22.59
N SER A 526 -4.27 -3.11 -22.54
CA SER A 526 -4.68 -4.52 -22.43
C SER A 526 -4.30 -5.31 -23.68
N ALA A 527 -4.55 -4.74 -24.86
CA ALA A 527 -4.12 -5.33 -26.13
C ALA A 527 -2.60 -5.47 -26.19
N LEU A 528 -1.88 -4.45 -25.73
CA LEU A 528 -0.41 -4.53 -25.63
C LEU A 528 0.02 -5.79 -24.85
N ALA A 529 -0.54 -5.99 -23.67
CA ALA A 529 -0.25 -7.17 -22.84
C ALA A 529 -0.54 -8.47 -23.58
N GLU A 530 -1.68 -8.52 -24.25
CA GLU A 530 -2.08 -9.69 -25.05
C GLU A 530 -1.14 -9.94 -26.23
N LEU A 531 -0.71 -8.88 -26.90
CA LEU A 531 0.33 -8.97 -27.94
C LEU A 531 1.60 -9.64 -27.38
N VAL A 532 2.06 -9.19 -26.21
CA VAL A 532 3.25 -9.77 -25.56
C VAL A 532 3.00 -11.25 -25.23
N LYS A 533 1.83 -11.56 -24.71
CA LYS A 533 1.48 -12.94 -24.39
C LYS A 533 1.56 -13.86 -25.60
N HIS A 534 1.05 -13.42 -26.74
CA HIS A 534 1.12 -14.22 -27.99
C HIS A 534 2.51 -14.25 -28.63
N LYS A 535 3.22 -13.13 -28.60
CA LYS A 535 4.56 -13.00 -29.21
C LYS A 535 5.59 -12.56 -28.16
N PRO A 536 5.90 -13.46 -27.21
CA PRO A 536 6.76 -13.10 -26.07
C PRO A 536 8.19 -12.70 -26.44
N LYS A 537 8.72 -13.25 -27.53
CA LYS A 537 10.07 -12.94 -27.99
C LYS A 537 10.20 -11.65 -28.81
N ALA A 538 9.08 -11.04 -29.19
CA ALA A 538 9.10 -9.75 -29.91
C ALA A 538 9.80 -8.67 -29.10
N THR A 539 10.60 -7.84 -29.76
CA THR A 539 11.30 -6.77 -29.07
C THR A 539 10.33 -5.68 -28.61
N LYS A 540 10.79 -4.85 -27.68
CA LYS A 540 9.97 -3.79 -27.11
C LYS A 540 9.71 -2.70 -28.14
N GLU A 541 10.64 -2.57 -29.09
CA GLU A 541 10.54 -1.62 -30.21
C GLU A 541 9.51 -2.06 -31.25
N GLN A 542 9.51 -3.35 -31.59
CA GLN A 542 8.47 -3.99 -32.42
C GLN A 542 7.09 -3.82 -31.82
N LEU A 543 6.97 -4.05 -30.52
CA LEU A 543 5.69 -3.92 -29.83
C LEU A 543 5.21 -2.48 -29.77
N LYS A 544 6.13 -1.56 -29.47
CA LYS A 544 5.82 -0.13 -29.48
C LYS A 544 5.30 0.32 -30.86
N THR A 545 5.92 -0.19 -31.92
CA THR A 545 5.54 0.14 -33.29
C THR A 545 4.13 -0.35 -33.62
N VAL A 546 3.84 -1.60 -33.23
CA VAL A 546 2.54 -2.22 -33.46
C VAL A 546 1.43 -1.52 -32.68
N LEU A 547 1.70 -1.14 -31.43
CA LEU A 547 0.72 -0.40 -30.61
C LEU A 547 0.44 0.97 -31.20
N GLY A 548 1.48 1.58 -31.77
CA GLY A 548 1.33 2.84 -32.51
C GLY A 548 0.36 2.69 -33.68
N ASN A 549 0.45 1.55 -34.37
CA ASN A 549 -0.46 1.22 -35.47
C ASN A 549 -1.89 0.99 -34.96
N PHE A 550 -2.02 0.36 -33.80
CA PHE A 550 -3.32 0.24 -33.12
C PHE A 550 -3.91 1.60 -32.72
N SER A 551 -3.08 2.48 -32.17
CA SER A 551 -3.53 3.83 -31.77
C SER A 551 -4.03 4.66 -32.96
N ALA A 552 -3.27 4.63 -34.05
CA ALA A 552 -3.63 5.31 -35.32
C ALA A 552 -4.94 4.80 -35.92
N PHE A 553 -5.07 3.47 -35.98
CA PHE A 553 -6.30 2.79 -36.37
C PHE A 553 -7.52 3.24 -35.55
N VAL A 554 -7.35 3.30 -34.24
CA VAL A 554 -8.43 3.74 -33.33
C VAL A 554 -8.75 5.22 -33.53
N ALA A 555 -7.74 6.02 -33.83
CA ALA A 555 -7.90 7.44 -34.06
C ALA A 555 -8.66 7.74 -35.35
N LYS A 556 -8.28 7.05 -36.44
CA LYS A 556 -8.92 7.30 -37.74
C LYS A 556 -10.37 6.82 -37.79
N CYS A 557 -10.64 5.65 -37.20
CA CYS A 557 -11.99 5.07 -37.25
C CYS A 557 -12.95 5.78 -36.29
N CYS A 558 -12.45 6.26 -35.16
CA CYS A 558 -13.24 7.13 -34.28
C CYS A 558 -13.54 8.50 -34.87
N GLY A 559 -12.70 8.95 -35.81
CA GLY A 559 -12.93 10.19 -36.56
C GLY A 559 -13.66 10.03 -37.88
N ALA A 560 -14.07 8.80 -38.20
CA ALA A 560 -14.73 8.47 -39.46
C ALA A 560 -16.21 8.82 -39.45
N GLU A 561 -16.75 9.05 -40.65
CA GLU A 561 -18.17 9.28 -40.86
C GLU A 561 -18.98 8.09 -40.33
N ASP A 562 -18.60 6.90 -40.79
CA ASP A 562 -19.20 5.63 -40.35
C ASP A 562 -18.15 4.84 -39.54
N LYS A 563 -18.19 5.03 -38.23
CA LYS A 563 -17.20 4.45 -37.31
C LYS A 563 -17.14 2.93 -37.34
N GLU A 564 -18.30 2.27 -37.25
CA GLU A 564 -18.33 0.81 -37.22
C GLU A 564 -17.91 0.15 -38.53
N ALA A 565 -18.22 0.77 -39.66
CA ALA A 565 -17.74 0.29 -40.96
C ALA A 565 -16.21 0.36 -41.07
N CYS A 566 -15.63 1.38 -40.44
CA CYS A 566 -14.18 1.56 -40.41
C CYS A 566 -13.51 0.49 -39.58
N PHE A 567 -14.03 0.27 -38.37
CA PHE A 567 -13.50 -0.76 -37.46
C PHE A 567 -13.61 -2.17 -38.07
N ALA A 568 -14.71 -2.45 -38.75
CA ALA A 568 -14.92 -3.75 -39.41
C ALA A 568 -14.02 -4.00 -40.63
N GLU A 569 -13.78 -2.96 -41.44
CA GLU A 569 -12.93 -3.04 -42.63
C GLU A 569 -11.43 -3.05 -42.29
N GLU A 570 -11.02 -2.03 -41.54
CA GLU A 570 -9.60 -1.81 -41.22
C GLU A 570 -9.03 -2.67 -40.08
N GLY A 571 -9.91 -3.27 -39.27
CA GLY A 571 -9.50 -4.02 -38.08
C GLY A 571 -8.79 -5.34 -38.34
N PRO A 572 -9.43 -6.27 -39.08
CA PRO A 572 -8.83 -7.54 -39.52
C PRO A 572 -7.50 -7.41 -40.30
N LYS A 573 -7.38 -6.35 -41.10
CA LYS A 573 -6.14 -6.02 -41.83
C LYS A 573 -4.98 -5.78 -40.86
N LEU A 574 -5.24 -4.93 -39.88
CA LEU A 574 -4.28 -4.61 -38.83
C LEU A 574 -3.89 -5.82 -37.95
N VAL A 575 -4.88 -6.59 -37.51
CA VAL A 575 -4.64 -7.78 -36.69
C VAL A 575 -3.74 -8.80 -37.41
N ALA A 576 -4.00 -9.04 -38.68
CA ALA A 576 -3.21 -9.98 -39.49
C ALA A 576 -1.77 -9.51 -39.73
N SER A 577 -1.62 -8.25 -40.11
CA SER A 577 -0.31 -7.72 -40.47
C SER A 577 0.57 -7.59 -39.22
N SER A 578 -0.03 -7.16 -38.11
CA SER A 578 0.64 -7.09 -36.79
C SER A 578 1.30 -8.39 -36.30
N GLN A 579 0.70 -9.55 -36.59
CA GLN A 579 1.36 -10.85 -36.32
C GLN A 579 2.72 -11.00 -37.02
N LEU A 580 2.79 -10.51 -38.26
CA LEU A 580 4.01 -10.57 -39.06
C LEU A 580 5.08 -9.60 -38.56
N ALA A 581 4.63 -8.41 -38.15
CA ALA A 581 5.52 -7.37 -37.60
C ALA A 581 6.14 -7.71 -36.24
N LEU A 582 5.59 -8.72 -35.55
CA LEU A 582 6.11 -9.17 -34.25
C LEU A 582 6.94 -10.46 -34.28
N ALA A 583 7.35 -10.92 -35.46
CA ALA A 583 8.14 -12.15 -35.57
C ALA A 583 9.53 -12.00 -34.91
C TRS B . 11.22 -1.35 -12.22
C1 TRS B . 11.86 -1.61 -13.57
C2 TRS B . 11.83 -0.08 -11.62
C3 TRS B . 11.36 -2.52 -11.22
N TRS B . 9.76 -1.10 -12.44
O1 TRS B . 13.01 -2.45 -13.44
O2 TRS B . 11.22 1.11 -12.09
O3 TRS B . 11.47 -3.84 -11.79
C TRS C . 13.69 -6.57 -24.91
C1 TRS C . 14.03 -8.08 -24.95
C2 TRS C . 12.23 -6.36 -24.49
C3 TRS C . 13.97 -5.90 -26.26
N TRS C . 14.55 -5.92 -23.90
O1 TRS C . 13.62 -8.68 -26.19
O2 TRS C . 12.10 -5.26 -23.57
O3 TRS C . 15.30 -6.03 -26.79
C TRS D . -21.46 8.08 11.99
C1 TRS D . -22.07 8.94 13.11
C2 TRS D . -21.16 6.65 12.51
C3 TRS D . -20.20 8.70 11.39
N TRS D . -22.46 7.98 10.91
O1 TRS D . -22.20 10.31 12.69
O2 TRS D . -22.31 5.80 12.39
O3 TRS D . -19.16 9.01 12.34
C TRS E . 7.52 7.86 2.26
C1 TRS E . 7.65 6.49 2.96
C2 TRS E . 8.90 8.34 1.74
C3 TRS E . 6.84 8.98 3.09
N TRS E . 6.69 7.62 1.05
O1 TRS E . 7.47 6.57 4.38
O2 TRS E . 9.02 8.19 0.32
O3 TRS E . 6.25 8.66 4.37
S SO4 F . 11.50 16.99 25.32
O1 SO4 F . 10.79 16.71 26.58
O2 SO4 F . 12.79 17.68 25.59
O3 SO4 F . 10.67 17.86 24.46
O4 SO4 F . 11.78 15.72 24.61
S SO4 G . 32.47 7.15 8.69
O1 SO4 G . 31.25 7.08 9.54
O2 SO4 G . 33.66 6.96 9.55
O3 SO4 G . 32.52 8.48 8.04
O4 SO4 G . 32.40 6.08 7.67
S SO4 H . 8.36 -12.77 14.62
O1 SO4 H . 8.65 -12.71 16.07
O2 SO4 H . 8.97 -11.59 13.97
O3 SO4 H . 6.90 -12.75 14.41
O4 SO4 H . 8.94 -14.00 14.04
S SO4 I . 20.61 -12.47 20.00
O1 SO4 I . 20.22 -11.22 20.71
O2 SO4 I . 22.08 -12.58 19.94
O3 SO4 I . 20.06 -13.64 20.74
O4 SO4 I . 20.05 -12.46 18.63
S SO4 J . -7.48 19.70 -1.87
O1 SO4 J . -6.79 20.91 -1.37
O2 SO4 J . -6.97 18.52 -1.13
O3 SO4 J . -8.93 19.83 -1.65
O4 SO4 J . -7.19 19.52 -3.32
S SO4 K . -9.56 -12.89 23.53
O1 SO4 K . -9.13 -11.48 23.70
O2 SO4 K . -8.69 -13.77 24.35
O3 SO4 K . -10.96 -13.03 23.98
O4 SO4 K . -9.44 -13.27 22.11
S SO4 L . -17.46 12.64 20.46
O1 SO4 L . -16.63 11.51 19.96
O2 SO4 L . -16.75 13.32 21.56
O3 SO4 L . -17.71 13.59 19.35
O4 SO4 L . -18.75 12.11 20.97
C2 8QP M . 3.08 7.77 12.77
C3 8QP M . 4.37 8.07 13.22
C4 8QP M . 5.49 7.56 12.57
C5 8QP M . 5.35 6.73 11.48
C6 8QP M . 4.07 6.39 11.03
C7 8QP M . 2.94 6.90 11.68
C9 8QP M . 3.61 5.59 9.94
C15 8QP M . 0.23 4.16 9.53
O1 8QP M . -1.28 5.05 11.15
C16 8QP M . -1.00 4.92 9.98
O2 8QP M . -1.76 5.39 9.02
C12 8QP M . 1.39 4.97 8.92
C13 8QP M . 0.88 5.97 7.88
C14 8QP M . 1.92 6.46 6.89
C8 8QP M . 2.24 5.64 9.97
N 8QP M . 1.82 6.42 11.03
C1 8QP M . 1.89 8.47 13.41
C 8QP M . 1.44 7.92 14.71
O 8QP M . 2.13 3.92 8.24
C11 8QP M . 3.54 3.70 8.38
C10 8QP M . 4.37 4.83 8.89
C2 8QP N . 14.62 -5.35 15.54
C3 8QP N . 15.22 -5.10 14.31
C4 8QP N . 15.94 -3.94 14.08
C5 8QP N . 16.09 -2.99 15.08
C6 8QP N . 15.51 -3.20 16.31
C7 8QP N . 14.77 -4.38 16.55
C9 8QP N . 15.46 -2.45 17.54
C15 8QP N . 13.00 -2.86 20.23
O1 8QP N . 12.54 -4.32 22.02
C16 8QP N . 12.60 -4.23 20.72
O2 8QP N . 12.36 -5.16 19.97
C12 8QP N . 14.48 -2.69 19.84
C13 8QP N . 15.46 -3.39 20.78
C14 8QP N . 15.38 -2.96 22.24
C8 8QP N . 14.73 -3.18 18.43
N 8QP N . 14.31 -4.35 17.84
C1 8QP N . 13.83 -6.61 15.78
C 8QP N . 14.33 -7.45 16.94
O 8QP N . 14.70 -1.26 19.91
C11 8QP N . 14.96 -0.50 18.72
C10 8QP N . 16.02 -1.11 17.88
C10 8QS O . 13.33 -10.04 9.60
C11 8QS O . 13.08 -10.56 8.18
O1 8QS O . 13.59 -10.48 4.67
C16 8QS O . 14.72 -10.07 4.86
O2 8QS O . 15.62 -9.99 3.91
C15 8QS O . 15.25 -9.59 6.18
C12 8QS O . 14.26 -8.77 7.03
C13 8QS O . 14.00 -7.42 6.36
C14 8QS O . 13.03 -6.52 7.09
C8 8QS O . 14.92 -8.52 8.38
N 8QS O . 15.99 -7.69 8.62
C7 8QS O . 16.26 -7.71 9.97
C2 8QS O . 17.25 -7.04 10.71
C1 8QS O . 18.28 -6.16 10.05
C 8QS O . 18.69 -4.91 10.78
O 8QS O . 13.02 -9.48 7.22
C9 8QS O . 14.49 -9.07 9.54
C6 8QS O . 15.33 -8.57 10.59
C5 8QS O . 15.38 -8.77 11.97
C4 8QS O . 16.36 -8.12 12.71
C3 8QS O . 17.27 -7.27 12.10
C10 8QS P . -10.81 6.33 -2.45
C11 8QS P . -11.09 4.91 -1.97
O1 8QS P . -10.89 2.38 -6.89
C16 8QS P . -11.09 2.63 -5.63
O2 8QS P . -10.90 1.80 -4.75
C15 8QS P . -11.57 4.04 -5.39
C12 8QS P . -12.28 4.31 -4.06
C13 8QS P . -13.55 3.46 -3.91
C14 8QS P . -14.36 3.73 -2.67
C8 8QS P . -12.67 5.78 -4.03
N 8QS P . -13.72 6.38 -4.69
C7 8QS P . -13.75 7.72 -4.35
C2 8QS P . -14.63 8.74 -4.72
C1 8QS P . -15.81 8.50 -5.62
C 8QS P . -17.15 8.74 -4.96
O 8QS P . -11.31 3.95 -3.02
C9 8QS P . -11.99 6.69 -3.28
C6 8QS P . -12.66 7.96 -3.46
C5 8QS P . -12.46 9.24 -2.97
C4 8QS P . -13.33 10.26 -3.34
C3 8QS P . -14.38 10.02 -4.21
#